data_5MF9
#
_entry.id   5MF9
#
loop_
_entity.id
_entity.type
_entity.pdbx_description
1 polymer 'RNA-binding protein 5'
2 polymer 'Survival motor neuron protein'
#
loop_
_entity_poly.entity_id
_entity_poly.type
_entity_poly.pdbx_seq_one_letter_code
_entity_poly.pdbx_strand_id
1 'polypeptide(L)' GAMGTKYAVPDTSTYQYDESSGYYYDPTTGLYYDPNSQYYYNSLTQQYLYWDGEKETYVPAAES A
2 'polypeptide(L)' GMRPPPPGIRG B
#
# COMPACT_ATOMS: atom_id res chain seq x y z
N GLY A 1 -21.76 -2.67 -0.87
CA GLY A 1 -20.74 -3.58 -0.29
C GLY A 1 -20.82 -4.97 -0.85
N ALA A 2 -20.58 -5.10 -2.15
CA ALA A 2 -20.60 -6.39 -2.82
C ALA A 2 -19.65 -6.39 -4.00
N MET A 3 -19.71 -5.33 -4.79
CA MET A 3 -18.86 -5.22 -5.98
C MET A 3 -17.93 -4.03 -5.85
N GLY A 4 -16.97 -3.94 -6.76
CA GLY A 4 -15.99 -2.88 -6.72
C GLY A 4 -14.64 -3.40 -6.30
N THR A 5 -14.63 -4.62 -5.78
CA THR A 5 -13.41 -5.25 -5.30
C THR A 5 -12.68 -5.97 -6.43
N LYS A 6 -12.29 -5.21 -7.45
CA LYS A 6 -11.49 -5.75 -8.54
C LYS A 6 -10.14 -5.06 -8.58
N TYR A 7 -9.22 -5.54 -7.76
CA TYR A 7 -7.90 -4.98 -7.67
C TYR A 7 -6.86 -6.02 -8.07
N ALA A 8 -5.64 -5.57 -8.30
CA ALA A 8 -4.55 -6.47 -8.62
C ALA A 8 -3.24 -5.89 -8.12
N VAL A 9 -2.13 -6.35 -8.67
CA VAL A 9 -0.83 -5.85 -8.29
C VAL A 9 -0.71 -4.37 -8.63
N PRO A 10 -0.42 -3.53 -7.62
CA PRO A 10 -0.27 -2.09 -7.81
C PRO A 10 0.91 -1.75 -8.71
N ASP A 11 0.84 -0.62 -9.39
CA ASP A 11 1.90 -0.22 -10.30
C ASP A 11 3.03 0.43 -9.54
N THR A 12 4.14 -0.28 -9.44
CA THR A 12 5.28 0.14 -8.63
C THR A 12 5.92 1.44 -9.15
N SER A 13 5.77 1.69 -10.44
CA SER A 13 6.37 2.88 -11.05
C SER A 13 5.51 4.12 -10.79
N THR A 14 4.25 3.90 -10.47
CA THR A 14 3.31 5.00 -10.24
C THR A 14 3.53 5.62 -8.85
N TYR A 15 4.20 4.90 -7.97
CA TYR A 15 4.49 5.40 -6.63
C TYR A 15 5.57 6.47 -6.67
N GLN A 16 5.39 7.49 -5.84
CA GLN A 16 6.42 8.50 -5.63
C GLN A 16 7.16 8.19 -4.33
N TYR A 17 8.31 8.83 -4.15
CA TYR A 17 9.19 8.49 -3.04
C TYR A 17 9.01 9.45 -1.85
N ASP A 18 8.70 8.88 -0.70
CA ASP A 18 8.67 9.64 0.55
C ASP A 18 10.00 9.51 1.26
N GLU A 19 10.74 10.62 1.33
CA GLU A 19 12.09 10.61 1.84
C GLU A 19 12.16 10.33 3.34
N SER A 20 11.17 10.81 4.08
CA SER A 20 11.18 10.68 5.54
C SER A 20 11.17 9.21 5.96
N SER A 21 10.28 8.44 5.36
CA SER A 21 10.18 7.02 5.66
C SER A 21 11.11 6.23 4.74
N GLY A 22 11.29 6.74 3.52
CA GLY A 22 12.15 6.08 2.55
C GLY A 22 11.41 5.08 1.71
N TYR A 23 10.11 5.30 1.51
CA TYR A 23 9.25 4.30 0.86
C TYR A 23 8.35 4.96 -0.18
N TYR A 24 7.56 4.14 -0.85
CA TYR A 24 6.75 4.60 -1.96
C TYR A 24 5.32 4.95 -1.55
N TYR A 25 4.79 6.00 -2.17
CA TYR A 25 3.39 6.38 -2.02
C TYR A 25 2.79 6.64 -3.40
N ASP A 26 1.70 5.97 -3.71
CA ASP A 26 1.03 6.14 -5.00
C ASP A 26 -0.18 7.04 -4.86
N PRO A 27 -0.14 8.21 -5.50
CA PRO A 27 -1.23 9.18 -5.45
C PRO A 27 -2.51 8.70 -6.15
N THR A 28 -2.38 7.79 -7.11
CA THR A 28 -3.54 7.37 -7.90
C THR A 28 -4.48 6.47 -7.10
N THR A 29 -3.93 5.47 -6.42
CA THR A 29 -4.73 4.58 -5.60
C THR A 29 -4.72 5.02 -4.13
N GLY A 30 -3.71 5.79 -3.76
CA GLY A 30 -3.54 6.20 -2.38
C GLY A 30 -2.87 5.13 -1.55
N LEU A 31 -2.06 4.31 -2.21
CA LEU A 31 -1.42 3.18 -1.56
C LEU A 31 0.01 3.51 -1.12
N TYR A 32 0.36 2.94 0.01
CA TYR A 32 1.71 2.92 0.51
C TYR A 32 2.33 1.57 0.17
N TYR A 33 3.61 1.53 -0.11
CA TYR A 33 4.27 0.25 -0.37
C TYR A 33 5.73 0.28 0.01
N ASP A 34 6.18 -0.75 0.70
CA ASP A 34 7.60 -0.97 0.92
C ASP A 34 7.99 -2.36 0.47
N PRO A 35 8.89 -2.45 -0.51
CA PRO A 35 9.36 -3.74 -1.04
C PRO A 35 10.07 -4.57 0.03
N ASN A 36 10.58 -3.92 1.07
CA ASN A 36 11.30 -4.60 2.14
C ASN A 36 10.35 -5.26 3.13
N SER A 37 9.30 -4.55 3.51
CA SER A 37 8.31 -5.08 4.45
C SER A 37 7.23 -5.86 3.72
N GLN A 38 7.17 -5.64 2.41
CA GLN A 38 6.25 -6.33 1.52
C GLN A 38 4.78 -6.09 1.87
N TYR A 39 4.50 -5.07 2.69
CA TYR A 39 3.12 -4.74 2.97
C TYR A 39 2.74 -3.43 2.34
N TYR A 40 1.44 -3.30 2.09
CA TYR A 40 0.85 -2.12 1.50
C TYR A 40 0.02 -1.42 2.54
N TYR A 41 -0.48 -0.25 2.23
CA TYR A 41 -1.46 0.39 3.10
C TYR A 41 -2.23 1.45 2.33
N ASN A 42 -3.55 1.45 2.44
CA ASN A 42 -4.37 2.46 1.77
C ASN A 42 -4.90 3.46 2.78
N SER A 43 -4.49 4.71 2.66
CA SER A 43 -4.82 5.73 3.64
C SER A 43 -6.24 6.29 3.45
N LEU A 44 -6.84 6.00 2.30
CA LEU A 44 -8.22 6.42 2.05
C LEU A 44 -9.17 5.63 2.96
N THR A 45 -8.81 4.37 3.21
CA THR A 45 -9.52 3.55 4.18
C THR A 45 -8.80 3.58 5.53
N GLN A 46 -7.59 4.12 5.49
CA GLN A 46 -6.73 4.25 6.66
C GLN A 46 -6.32 2.86 7.16
N GLN A 47 -6.22 1.91 6.23
CA GLN A 47 -5.95 0.53 6.56
C GLN A 47 -4.59 0.08 6.06
N TYR A 48 -3.82 -0.51 6.97
CA TYR A 48 -2.61 -1.23 6.60
C TYR A 48 -3.01 -2.50 5.85
N LEU A 49 -2.57 -2.64 4.61
CA LEU A 49 -3.08 -3.67 3.73
C LEU A 49 -2.01 -4.67 3.31
N TYR A 50 -2.45 -5.69 2.59
CA TYR A 50 -1.57 -6.73 2.11
C TYR A 50 -2.20 -7.35 0.86
N TRP A 51 -1.41 -7.46 -0.21
CA TRP A 51 -1.92 -8.01 -1.46
C TRP A 51 -1.91 -9.53 -1.42
N ASP A 52 -3.09 -10.10 -1.27
CA ASP A 52 -3.27 -11.54 -1.20
C ASP A 52 -3.12 -12.18 -2.58
N GLY A 53 -3.77 -11.57 -3.57
CA GLY A 53 -3.70 -12.08 -4.92
C GLY A 53 -4.90 -12.93 -5.28
N GLU A 54 -5.25 -13.87 -4.41
CA GLU A 54 -6.36 -14.78 -4.65
C GLU A 54 -7.70 -14.09 -4.43
N LYS A 55 -7.77 -13.28 -3.39
CA LYS A 55 -9.01 -12.59 -3.03
C LYS A 55 -9.27 -11.40 -3.95
N GLU A 56 -8.25 -11.07 -4.75
CA GLU A 56 -8.30 -9.94 -5.70
C GLU A 56 -8.67 -8.63 -5.03
N THR A 57 -8.35 -8.52 -3.75
CA THR A 57 -8.59 -7.30 -3.00
C THR A 57 -7.53 -7.17 -1.91
N TYR A 58 -7.43 -5.97 -1.35
CA TYR A 58 -6.44 -5.68 -0.33
C TYR A 58 -6.97 -6.06 1.05
N VAL A 59 -6.41 -7.12 1.60
CA VAL A 59 -6.78 -7.58 2.93
C VAL A 59 -5.92 -6.90 3.98
N PRO A 60 -6.55 -6.35 5.03
CA PRO A 60 -5.83 -5.67 6.10
C PRO A 60 -4.79 -6.59 6.74
N ALA A 61 -3.57 -6.07 6.86
CA ALA A 61 -2.46 -6.83 7.41
C ALA A 61 -2.40 -6.67 8.92
N ALA A 62 -3.57 -6.53 9.53
CA ALA A 62 -3.69 -6.34 10.97
C ALA A 62 -3.85 -7.67 11.68
N GLU A 63 -2.88 -8.55 11.48
CA GLU A 63 -2.90 -9.87 12.09
C GLU A 63 -2.81 -9.74 13.60
N SER A 64 -3.78 -10.29 14.30
CA SER A 64 -3.85 -10.19 15.74
C SER A 64 -3.97 -11.58 16.36
N GLY B 1 -1.20 11.35 15.55
CA GLY B 1 -0.48 12.07 14.47
C GLY B 1 -1.34 12.28 13.25
N MET B 2 -1.52 11.21 12.48
CA MET B 2 -2.29 11.26 11.25
C MET B 2 -2.68 9.83 10.86
N ARG B 3 -2.86 9.58 9.56
CA ARG B 3 -2.89 8.22 9.02
C ARG B 3 -1.61 7.49 9.43
N PRO B 4 -1.51 6.17 9.19
CA PRO B 4 -0.25 5.46 9.37
C PRO B 4 0.83 5.99 8.39
N PRO B 5 2.07 5.57 8.58
CA PRO B 5 3.18 5.93 7.72
C PRO B 5 3.42 4.88 6.65
N PRO B 6 4.30 5.17 5.68
CA PRO B 6 4.67 4.19 4.67
C PRO B 6 5.33 2.98 5.30
N PRO B 7 5.08 1.79 4.74
CA PRO B 7 5.53 0.53 5.32
C PRO B 7 7.01 0.54 5.60
N GLY B 8 7.38 0.16 6.82
CA GLY B 8 8.76 0.25 7.23
C GLY B 8 8.92 1.04 8.50
N ILE B 9 9.08 2.35 8.32
CA ILE B 9 9.35 3.31 9.39
C ILE B 9 10.19 2.69 10.51
N ARG B 10 11.32 2.13 10.10
CA ARG B 10 12.24 1.48 11.02
C ARG B 10 13.36 2.44 11.41
N GLY B 11 14.42 1.89 11.96
CA GLY B 11 15.57 2.70 12.33
C GLY B 11 16.83 1.88 12.31
N GLY A 1 -15.93 -10.67 -16.81
CA GLY A 1 -14.98 -9.64 -17.29
C GLY A 1 -15.36 -8.26 -16.81
N ALA A 2 -14.39 -7.36 -16.81
CA ALA A 2 -14.60 -6.00 -16.33
C ALA A 2 -13.79 -5.02 -17.15
N MET A 3 -14.42 -3.94 -17.60
CA MET A 3 -13.73 -2.94 -18.40
C MET A 3 -12.84 -2.09 -17.51
N GLY A 4 -11.59 -2.52 -17.37
CA GLY A 4 -10.66 -1.83 -16.51
C GLY A 4 -10.70 -2.37 -15.09
N THR A 5 -10.68 -1.45 -14.12
CA THR A 5 -10.73 -1.80 -12.69
C THR A 5 -9.77 -2.95 -12.33
N LYS A 6 -8.47 -2.66 -12.37
CA LYS A 6 -7.47 -3.66 -12.07
C LYS A 6 -6.49 -3.15 -11.02
N TYR A 7 -5.94 -4.05 -10.24
CA TYR A 7 -4.98 -3.70 -9.21
C TYR A 7 -3.79 -4.65 -9.27
N ALA A 8 -3.97 -5.86 -8.72
CA ALA A 8 -2.95 -6.89 -8.69
C ALA A 8 -1.60 -6.38 -8.18
N VAL A 9 -0.53 -6.93 -8.75
CA VAL A 9 0.83 -6.65 -8.35
C VAL A 9 1.19 -5.18 -8.57
N PRO A 10 2.06 -4.64 -7.70
CA PRO A 10 2.44 -3.24 -7.71
C PRO A 10 3.55 -2.94 -8.71
N ASP A 11 3.55 -1.71 -9.22
CA ASP A 11 4.65 -1.21 -10.02
C ASP A 11 5.19 0.05 -9.37
N THR A 12 6.48 0.08 -9.10
CA THR A 12 7.10 1.19 -8.37
C THR A 12 7.11 2.48 -9.20
N SER A 13 6.70 2.38 -10.46
CA SER A 13 6.70 3.51 -11.36
C SER A 13 5.52 4.45 -11.12
N THR A 14 4.44 3.94 -10.53
CA THR A 14 3.26 4.75 -10.28
C THR A 14 3.34 5.48 -8.94
N TYR A 15 4.06 4.89 -7.99
CA TYR A 15 4.12 5.42 -6.64
C TYR A 15 5.09 6.60 -6.53
N GLN A 16 4.82 7.47 -5.57
CA GLN A 16 5.74 8.55 -5.21
C GLN A 16 6.69 8.04 -4.14
N TYR A 17 7.93 8.46 -4.19
CA TYR A 17 8.91 8.04 -3.22
C TYR A 17 8.98 9.04 -2.05
N ASP A 18 8.57 8.59 -0.87
CA ASP A 18 8.75 9.38 0.34
C ASP A 18 10.09 9.05 0.96
N GLU A 19 10.98 10.03 0.95
CA GLU A 19 12.33 9.85 1.44
C GLU A 19 12.36 9.69 2.96
N SER A 20 11.38 10.30 3.63
CA SER A 20 11.33 10.28 5.09
C SER A 20 11.26 8.85 5.63
N SER A 21 10.39 8.05 5.05
CA SER A 21 10.24 6.66 5.41
C SER A 21 11.10 5.80 4.48
N GLY A 22 11.25 6.24 3.24
CA GLY A 22 12.04 5.52 2.27
C GLY A 22 11.21 4.56 1.44
N TYR A 23 9.92 4.84 1.31
CA TYR A 23 8.99 3.91 0.67
C TYR A 23 8.10 4.63 -0.34
N TYR A 24 7.26 3.85 -1.01
CA TYR A 24 6.45 4.37 -2.09
C TYR A 24 5.00 4.64 -1.65
N TYR A 25 4.48 5.77 -2.11
CA TYR A 25 3.09 6.17 -1.85
C TYR A 25 2.49 6.72 -3.15
N ASP A 26 1.47 6.04 -3.66
CA ASP A 26 0.79 6.48 -4.88
C ASP A 26 -0.31 7.47 -4.52
N PRO A 27 -0.15 8.74 -4.90
CA PRO A 27 -1.08 9.81 -4.53
C PRO A 27 -2.47 9.64 -5.15
N THR A 28 -2.52 8.98 -6.30
CA THR A 28 -3.77 8.78 -7.01
C THR A 28 -4.66 7.75 -6.33
N THR A 29 -4.11 6.57 -6.05
CA THR A 29 -4.88 5.49 -5.46
C THR A 29 -4.89 5.59 -3.94
N GLY A 30 -3.92 6.31 -3.39
CA GLY A 30 -3.82 6.48 -1.95
C GLY A 30 -3.19 5.26 -1.30
N LEU A 31 -2.37 4.55 -2.06
CA LEU A 31 -1.77 3.32 -1.56
C LEU A 31 -0.29 3.49 -1.27
N TYR A 32 0.09 3.07 -0.07
CA TYR A 32 1.48 2.98 0.33
C TYR A 32 1.95 1.56 0.04
N TYR A 33 3.17 1.41 -0.43
CA TYR A 33 3.73 0.08 -0.70
C TYR A 33 5.21 0.05 -0.36
N ASP A 34 5.61 -0.94 0.42
CA ASP A 34 7.02 -1.16 0.67
C ASP A 34 7.43 -2.58 0.33
N PRO A 35 8.35 -2.74 -0.62
CA PRO A 35 8.88 -4.04 -1.03
C PRO A 35 9.67 -4.75 0.08
N ASN A 36 10.17 -3.99 1.05
CA ASN A 36 11.04 -4.57 2.08
C ASN A 36 10.25 -5.29 3.18
N SER A 37 9.19 -4.66 3.67
CA SER A 37 8.35 -5.26 4.69
C SER A 37 7.16 -5.97 4.04
N GLN A 38 6.96 -5.68 2.77
CA GLN A 38 5.98 -6.35 1.92
C GLN A 38 4.54 -6.20 2.43
N TYR A 39 4.19 -5.02 2.94
CA TYR A 39 2.81 -4.74 3.23
C TYR A 39 2.35 -3.46 2.54
N TYR A 40 1.04 -3.39 2.40
CA TYR A 40 0.36 -2.29 1.73
C TYR A 40 -0.27 -1.37 2.75
N TYR A 41 -0.80 -0.26 2.29
CA TYR A 41 -1.48 0.68 3.15
C TYR A 41 -2.41 1.55 2.30
N ASN A 42 -3.65 1.72 2.74
CA ASN A 42 -4.60 2.62 2.08
C ASN A 42 -4.94 3.80 2.98
N SER A 43 -4.51 4.99 2.60
CA SER A 43 -4.66 6.18 3.45
C SER A 43 -6.01 6.86 3.26
N LEU A 44 -6.83 6.32 2.38
CA LEU A 44 -8.20 6.78 2.23
C LEU A 44 -9.01 6.30 3.41
N THR A 45 -8.70 5.09 3.87
CA THR A 45 -9.34 4.52 5.05
C THR A 45 -8.36 4.52 6.22
N GLN A 46 -7.13 4.95 5.94
CA GLN A 46 -6.04 4.97 6.90
C GLN A 46 -5.78 3.58 7.47
N GLN A 47 -5.90 2.58 6.61
CA GLN A 47 -5.71 1.20 7.02
C GLN A 47 -4.56 0.56 6.28
N TYR A 48 -3.74 -0.20 7.00
CA TYR A 48 -2.70 -1.00 6.37
C TYR A 48 -3.34 -2.19 5.67
N LEU A 49 -2.76 -2.61 4.55
CA LEU A 49 -3.29 -3.71 3.76
C LEU A 49 -2.20 -4.73 3.46
N TYR A 50 -2.59 -5.79 2.79
CA TYR A 50 -1.68 -6.83 2.36
C TYR A 50 -2.15 -7.40 1.03
N TRP A 51 -1.24 -7.53 0.09
CA TRP A 51 -1.59 -8.05 -1.23
C TRP A 51 -1.66 -9.57 -1.21
N ASP A 52 -2.87 -10.09 -1.17
CA ASP A 52 -3.09 -11.51 -1.35
C ASP A 52 -3.32 -11.77 -2.83
N GLY A 53 -2.41 -12.53 -3.43
CA GLY A 53 -2.43 -12.72 -4.86
C GLY A 53 -3.65 -13.47 -5.36
N GLU A 54 -4.22 -14.33 -4.53
CA GLU A 54 -5.35 -15.14 -4.95
C GLU A 54 -6.68 -14.51 -4.55
N LYS A 55 -6.66 -13.60 -3.58
CA LYS A 55 -7.87 -12.84 -3.24
C LYS A 55 -8.05 -11.71 -4.25
N GLU A 56 -6.96 -11.43 -4.98
CA GLU A 56 -6.93 -10.43 -6.04
C GLU A 56 -7.35 -9.04 -5.52
N THR A 57 -7.15 -8.79 -4.24
CA THR A 57 -7.50 -7.52 -3.64
C THR A 57 -6.68 -7.28 -2.38
N TYR A 58 -6.72 -6.05 -1.89
CA TYR A 58 -5.91 -5.63 -0.75
C TYR A 58 -6.71 -5.79 0.54
N VAL A 59 -6.37 -6.82 1.29
CA VAL A 59 -7.06 -7.13 2.54
C VAL A 59 -6.18 -6.76 3.74
N PRO A 60 -6.80 -6.39 4.87
CA PRO A 60 -6.07 -6.06 6.10
C PRO A 60 -5.25 -7.23 6.60
N ALA A 61 -4.00 -6.96 6.98
CA ALA A 61 -3.07 -8.00 7.39
C ALA A 61 -3.19 -8.28 8.89
N ALA A 62 -3.36 -7.23 9.67
CA ALA A 62 -3.44 -7.35 11.13
C ALA A 62 -2.23 -8.10 11.67
N GLU A 63 -1.07 -7.45 11.59
CA GLU A 63 0.19 -8.05 12.00
C GLU A 63 0.13 -8.51 13.45
N SER A 64 0.27 -9.81 13.64
CA SER A 64 0.29 -10.39 14.97
C SER A 64 1.39 -11.44 15.05
N GLY B 1 -2.88 11.77 16.48
CA GLY B 1 -2.22 11.04 15.36
C GLY B 1 -2.88 11.33 14.04
N MET B 2 -2.30 10.81 12.97
CA MET B 2 -2.85 10.98 11.63
C MET B 2 -2.96 9.62 10.97
N ARG B 3 -3.02 9.59 9.65
CA ARG B 3 -2.87 8.35 8.90
C ARG B 3 -1.55 7.69 9.29
N PRO B 4 -1.42 6.38 9.09
CA PRO B 4 -0.14 5.70 9.24
C PRO B 4 0.92 6.24 8.27
N PRO B 5 2.17 5.81 8.42
CA PRO B 5 3.26 6.16 7.54
C PRO B 5 3.48 5.08 6.49
N PRO B 6 4.33 5.31 5.49
CA PRO B 6 4.65 4.29 4.50
C PRO B 6 5.22 3.05 5.17
N PRO B 7 4.83 1.87 4.67
CA PRO B 7 5.17 0.61 5.32
C PRO B 7 6.65 0.45 5.56
N GLY B 8 7.00 0.11 6.79
CA GLY B 8 8.39 0.08 7.19
C GLY B 8 8.61 0.86 8.46
N ILE B 9 9.00 2.13 8.29
CA ILE B 9 9.24 3.07 9.38
C ILE B 9 9.85 2.38 10.60
N ARG B 10 10.93 1.65 10.34
CA ARG B 10 11.55 0.79 11.35
C ARG B 10 12.54 1.58 12.20
N GLY B 11 12.05 2.63 12.83
CA GLY B 11 12.87 3.39 13.75
C GLY B 11 12.31 3.32 15.14
N GLY A 1 -5.04 13.40 -15.59
CA GLY A 1 -3.98 12.60 -16.25
C GLY A 1 -4.50 11.23 -16.64
N ALA A 2 -3.60 10.29 -16.88
CA ALA A 2 -3.98 8.94 -17.22
C ALA A 2 -4.38 8.18 -15.97
N MET A 3 -5.64 8.31 -15.57
CA MET A 3 -6.15 7.67 -14.37
C MET A 3 -6.16 6.16 -14.52
N GLY A 4 -5.09 5.52 -14.11
CA GLY A 4 -5.00 4.08 -14.17
C GLY A 4 -5.74 3.41 -13.04
N THR A 5 -7.04 3.20 -13.25
CA THR A 5 -7.87 2.52 -12.26
C THR A 5 -7.37 1.08 -12.06
N LYS A 6 -6.99 0.76 -10.83
CA LYS A 6 -6.39 -0.53 -10.52
C LYS A 6 -6.87 -1.04 -9.17
N TYR A 7 -6.75 -2.34 -8.95
CA TYR A 7 -6.98 -2.92 -7.64
C TYR A 7 -6.28 -4.27 -7.53
N ALA A 8 -5.20 -4.43 -8.30
CA ALA A 8 -4.43 -5.66 -8.26
C ALA A 8 -2.94 -5.36 -8.16
N VAL A 9 -2.15 -5.94 -9.07
CA VAL A 9 -0.71 -5.73 -9.06
C VAL A 9 -0.39 -4.28 -9.42
N PRO A 10 0.21 -3.54 -8.48
CA PRO A 10 0.51 -2.12 -8.66
C PRO A 10 1.66 -1.87 -9.63
N ASP A 11 1.64 -0.71 -10.27
CA ASP A 11 2.73 -0.29 -11.14
C ASP A 11 3.74 0.50 -10.34
N THR A 12 4.97 -0.02 -10.29
CA THR A 12 6.02 0.56 -9.47
C THR A 12 6.40 1.97 -9.92
N SER A 13 6.20 2.26 -11.18
CA SER A 13 6.53 3.56 -11.74
C SER A 13 5.45 4.60 -11.44
N THR A 14 4.31 4.14 -10.98
CA THR A 14 3.20 5.03 -10.65
C THR A 14 3.40 5.64 -9.26
N TYR A 15 4.17 4.94 -8.42
CA TYR A 15 4.41 5.40 -7.07
C TYR A 15 5.38 6.56 -7.03
N GLN A 16 5.20 7.41 -6.04
CA GLN A 16 6.14 8.47 -5.73
C GLN A 16 7.01 8.00 -4.56
N TYR A 17 8.11 8.67 -4.31
CA TYR A 17 9.05 8.21 -3.29
C TYR A 17 9.00 9.11 -2.07
N ASP A 18 8.37 8.63 -1.00
CA ASP A 18 8.35 9.37 0.25
C ASP A 18 9.68 9.20 0.96
N GLU A 19 10.51 10.24 0.87
CA GLU A 19 11.85 10.21 1.43
C GLU A 19 11.81 10.22 2.97
N SER A 20 10.67 10.60 3.53
CA SER A 20 10.50 10.65 4.98
C SER A 20 10.67 9.27 5.59
N SER A 21 9.99 8.29 5.01
CA SER A 21 10.07 6.91 5.46
C SER A 21 11.01 6.12 4.55
N GLY A 22 11.06 6.51 3.28
CA GLY A 22 11.94 5.87 2.32
C GLY A 22 11.23 4.81 1.51
N TYR A 23 9.93 4.99 1.30
CA TYR A 23 9.11 3.96 0.65
C TYR A 23 8.22 4.60 -0.42
N TYR A 24 7.47 3.77 -1.13
CA TYR A 24 6.68 4.23 -2.25
C TYR A 24 5.27 4.63 -1.84
N TYR A 25 4.81 5.74 -2.39
CA TYR A 25 3.47 6.26 -2.13
C TYR A 25 2.72 6.46 -3.45
N ASP A 26 1.52 5.91 -3.54
CA ASP A 26 0.70 6.02 -4.74
C ASP A 26 -0.27 7.19 -4.64
N PRO A 27 -0.17 8.13 -5.60
CA PRO A 27 -1.04 9.30 -5.66
C PRO A 27 -2.50 8.98 -6.01
N THR A 28 -2.72 7.90 -6.77
CA THR A 28 -4.05 7.63 -7.31
C THR A 28 -5.02 7.10 -6.25
N THR A 29 -4.66 6.00 -5.61
CA THR A 29 -5.53 5.34 -4.67
C THR A 29 -5.08 5.60 -3.23
N GLY A 30 -3.84 6.06 -3.09
CA GLY A 30 -3.32 6.37 -1.76
C GLY A 30 -2.63 5.18 -1.13
N LEU A 31 -2.10 4.30 -1.98
CA LEU A 31 -1.47 3.09 -1.52
C LEU A 31 0.00 3.30 -1.15
N TYR A 32 0.36 2.77 0.00
CA TYR A 32 1.73 2.76 0.46
C TYR A 32 2.35 1.41 0.15
N TYR A 33 3.59 1.39 -0.28
CA TYR A 33 4.25 0.12 -0.63
C TYR A 33 5.69 0.09 -0.18
N ASP A 34 6.03 -0.92 0.62
CA ASP A 34 7.43 -1.19 0.94
C ASP A 34 7.78 -2.60 0.53
N PRO A 35 8.71 -2.73 -0.41
CA PRO A 35 9.13 -4.03 -0.91
C PRO A 35 9.88 -4.84 0.14
N ASN A 36 10.40 -4.16 1.16
CA ASN A 36 11.22 -4.82 2.18
C ASN A 36 10.37 -5.56 3.21
N SER A 37 9.30 -4.92 3.69
CA SER A 37 8.45 -5.51 4.71
C SER A 37 7.29 -6.28 4.07
N GLN A 38 7.10 -6.05 2.77
CA GLN A 38 6.11 -6.75 1.97
C GLN A 38 4.67 -6.43 2.40
N TYR A 39 4.42 -5.22 2.87
CA TYR A 39 3.06 -4.82 3.16
C TYR A 39 2.73 -3.46 2.56
N TYR A 40 1.44 -3.25 2.39
CA TYR A 40 0.90 -2.03 1.80
C TYR A 40 0.07 -1.32 2.85
N TYR A 41 -0.41 -0.13 2.56
CA TYR A 41 -1.45 0.48 3.37
C TYR A 41 -2.18 1.57 2.56
N ASN A 42 -3.50 1.63 2.70
CA ASN A 42 -4.29 2.66 2.01
C ASN A 42 -4.71 3.74 3.02
N SER A 43 -4.33 4.97 2.76
CA SER A 43 -4.57 6.06 3.70
C SER A 43 -5.92 6.74 3.46
N LEU A 44 -6.59 6.35 2.39
CA LEU A 44 -7.96 6.82 2.17
C LEU A 44 -8.92 6.00 3.02
N THR A 45 -8.47 4.81 3.42
CA THR A 45 -9.24 3.98 4.32
C THR A 45 -8.57 3.94 5.70
N GLN A 46 -7.37 4.55 5.77
CA GLN A 46 -6.56 4.60 6.98
C GLN A 46 -6.24 3.19 7.47
N GLN A 47 -5.94 2.29 6.54
CA GLN A 47 -5.73 0.90 6.89
C GLN A 47 -4.44 0.35 6.29
N TYR A 48 -3.68 -0.33 7.13
CA TYR A 48 -2.54 -1.11 6.68
C TYR A 48 -3.04 -2.31 5.89
N LEU A 49 -2.62 -2.42 4.63
CA LEU A 49 -3.14 -3.44 3.73
C LEU A 49 -2.10 -4.51 3.43
N TYR A 50 -2.55 -5.52 2.71
CA TYR A 50 -1.70 -6.61 2.27
C TYR A 50 -2.30 -7.21 0.99
N TRP A 51 -1.46 -7.39 -0.02
CA TRP A 51 -1.94 -7.95 -1.27
C TRP A 51 -1.78 -9.45 -1.27
N ASP A 52 -2.90 -10.15 -1.09
CA ASP A 52 -2.92 -11.61 -1.12
C ASP A 52 -2.65 -12.13 -2.53
N GLY A 53 -3.19 -11.42 -3.51
CA GLY A 53 -2.98 -11.81 -4.89
C GLY A 53 -4.17 -12.49 -5.51
N GLU A 54 -4.43 -13.71 -5.08
CA GLU A 54 -5.48 -14.53 -5.68
C GLU A 54 -6.88 -14.09 -5.24
N LYS A 55 -6.97 -13.41 -4.10
CA LYS A 55 -8.24 -12.86 -3.64
C LYS A 55 -8.60 -11.59 -4.40
N GLU A 56 -7.61 -11.08 -5.15
CA GLU A 56 -7.77 -9.90 -6.00
C GLU A 56 -8.31 -8.71 -5.21
N THR A 57 -7.88 -8.58 -3.96
CA THR A 57 -8.30 -7.48 -3.12
C THR A 57 -7.25 -7.18 -2.06
N TYR A 58 -7.19 -5.92 -1.64
CA TYR A 58 -6.29 -5.51 -0.58
C TYR A 58 -6.92 -5.80 0.76
N VAL A 59 -6.42 -6.83 1.41
CA VAL A 59 -6.93 -7.25 2.71
C VAL A 59 -6.09 -6.63 3.82
N PRO A 60 -6.75 -6.05 4.83
CA PRO A 60 -6.08 -5.41 5.97
C PRO A 60 -5.11 -6.37 6.65
N ALA A 61 -3.90 -5.88 6.92
CA ALA A 61 -2.84 -6.69 7.51
C ALA A 61 -3.06 -6.85 9.01
N ALA A 62 -4.13 -7.56 9.38
CA ALA A 62 -4.45 -7.81 10.77
C ALA A 62 -5.27 -9.10 10.89
N GLU A 63 -4.62 -10.22 10.61
CA GLU A 63 -5.30 -11.51 10.62
C GLU A 63 -5.54 -11.99 12.04
N SER A 64 -6.79 -11.88 12.46
CA SER A 64 -7.24 -12.33 13.77
C SER A 64 -8.77 -12.40 13.76
N GLY B 1 -4.20 11.02 14.59
CA GLY B 1 -3.79 11.58 13.28
C GLY B 1 -4.84 11.34 12.23
N MET B 2 -4.40 11.11 10.99
CA MET B 2 -5.31 10.82 9.90
C MET B 2 -4.93 9.50 9.23
N ARG B 3 -3.68 9.10 9.42
CA ARG B 3 -3.15 7.95 8.71
C ARG B 3 -1.85 7.47 9.37
N PRO B 4 -1.56 6.19 9.20
CA PRO B 4 -0.24 5.60 9.49
C PRO B 4 0.84 6.14 8.53
N PRO B 5 2.10 5.73 8.72
CA PRO B 5 3.20 6.07 7.81
C PRO B 5 3.40 4.97 6.77
N PRO B 6 4.24 5.21 5.76
CA PRO B 6 4.57 4.19 4.76
C PRO B 6 5.26 3.00 5.40
N PRO B 7 4.98 1.79 4.88
CA PRO B 7 5.44 0.53 5.47
C PRO B 7 6.94 0.51 5.71
N GLY B 8 7.33 0.18 6.92
CA GLY B 8 8.70 0.28 7.32
C GLY B 8 8.84 1.03 8.62
N ILE B 9 9.27 2.28 8.52
CA ILE B 9 9.40 3.22 9.63
C ILE B 9 9.89 2.54 10.90
N ARG B 10 10.89 1.68 10.75
CA ARG B 10 11.40 0.87 11.85
C ARG B 10 12.52 1.61 12.58
N GLY B 11 12.29 1.95 13.83
CA GLY B 11 13.29 2.62 14.62
C GLY B 11 12.69 3.35 15.80
N GLY A 1 -8.18 -12.98 -14.84
CA GLY A 1 -6.88 -12.42 -15.29
C GLY A 1 -6.63 -11.05 -14.71
N ALA A 2 -5.48 -10.47 -15.03
CA ALA A 2 -5.09 -9.16 -14.52
C ALA A 2 -4.11 -8.47 -15.44
N MET A 3 -4.62 -7.66 -16.35
CA MET A 3 -3.78 -6.91 -17.28
C MET A 3 -3.99 -5.42 -17.10
N GLY A 4 -3.03 -4.76 -16.45
CA GLY A 4 -3.14 -3.34 -16.20
C GLY A 4 -4.19 -3.01 -15.17
N THR A 5 -4.49 -3.99 -14.32
CA THR A 5 -5.49 -3.82 -13.29
C THR A 5 -4.97 -2.91 -12.17
N LYS A 6 -5.61 -1.77 -12.01
CA LYS A 6 -5.12 -0.72 -11.12
C LYS A 6 -5.61 -0.92 -9.69
N TYR A 7 -5.73 -2.18 -9.30
CA TYR A 7 -6.02 -2.55 -7.93
C TYR A 7 -5.53 -3.97 -7.67
N ALA A 8 -4.63 -4.43 -8.52
CA ALA A 8 -4.13 -5.79 -8.41
C ALA A 8 -2.62 -5.80 -8.18
N VAL A 9 -1.88 -6.22 -9.19
CA VAL A 9 -0.44 -6.27 -9.11
C VAL A 9 0.12 -4.86 -9.14
N PRO A 10 0.81 -4.45 -8.07
CA PRO A 10 1.31 -3.08 -7.90
C PRO A 10 2.17 -2.63 -9.08
N ASP A 11 1.89 -1.43 -9.56
CA ASP A 11 2.64 -0.85 -10.65
C ASP A 11 3.62 0.18 -10.13
N THR A 12 4.80 0.21 -10.70
CA THR A 12 5.89 1.02 -10.17
C THR A 12 5.89 2.46 -10.72
N SER A 13 5.18 2.69 -11.82
CA SER A 13 5.19 4.02 -12.43
C SER A 13 4.15 4.93 -11.77
N THR A 14 3.29 4.36 -10.95
CA THR A 14 2.27 5.15 -10.26
C THR A 14 2.80 5.71 -8.94
N TYR A 15 3.71 4.99 -8.30
CA TYR A 15 4.18 5.36 -6.98
C TYR A 15 5.10 6.58 -6.99
N GLN A 16 5.06 7.29 -5.89
CA GLN A 16 5.96 8.41 -5.63
C GLN A 16 6.87 8.02 -4.47
N TYR A 17 8.00 8.71 -4.33
CA TYR A 17 8.93 8.41 -3.26
C TYR A 17 8.65 9.24 -2.02
N ASP A 18 8.29 8.58 -0.92
CA ASP A 18 8.13 9.25 0.36
C ASP A 18 9.49 9.35 1.05
N GLU A 19 9.96 10.57 1.23
CA GLU A 19 11.31 10.83 1.73
C GLU A 19 11.47 10.46 3.20
N SER A 20 10.46 10.74 4.00
CA SER A 20 10.57 10.58 5.45
C SER A 20 10.71 9.10 5.84
N SER A 21 10.00 8.25 5.14
CA SER A 21 10.03 6.82 5.41
C SER A 21 10.95 6.10 4.43
N GLY A 22 11.03 6.63 3.21
CA GLY A 22 11.92 6.06 2.20
C GLY A 22 11.24 4.98 1.39
N TYR A 23 9.93 5.12 1.18
CA TYR A 23 9.14 4.05 0.56
C TYR A 23 8.24 4.58 -0.55
N TYR A 24 7.53 3.67 -1.21
CA TYR A 24 6.68 4.03 -2.32
C TYR A 24 5.27 4.41 -1.85
N TYR A 25 4.79 5.51 -2.37
CA TYR A 25 3.43 5.99 -2.10
C TYR A 25 2.75 6.33 -3.43
N ASP A 26 1.68 5.62 -3.78
CA ASP A 26 0.96 5.93 -5.01
C ASP A 26 -0.11 6.98 -4.75
N PRO A 27 0.05 8.15 -5.38
CA PRO A 27 -0.91 9.24 -5.25
C PRO A 27 -2.26 8.91 -5.88
N THR A 28 -2.26 7.95 -6.80
CA THR A 28 -3.46 7.59 -7.55
C THR A 28 -4.45 6.82 -6.68
N THR A 29 -4.02 5.68 -6.15
CA THR A 29 -4.89 4.83 -5.36
C THR A 29 -4.69 5.06 -3.86
N GLY A 30 -3.59 5.70 -3.51
CA GLY A 30 -3.33 6.01 -2.11
C GLY A 30 -2.69 4.85 -1.37
N LEU A 31 -2.11 3.93 -2.14
CA LEU A 31 -1.48 2.76 -1.56
C LEU A 31 -0.03 3.03 -1.20
N TYR A 32 0.34 2.59 -0.01
CA TYR A 32 1.69 2.59 0.48
C TYR A 32 2.32 1.24 0.18
N TYR A 33 3.56 1.22 -0.29
CA TYR A 33 4.23 -0.04 -0.58
C TYR A 33 5.68 -0.03 -0.11
N ASP A 34 6.04 -1.04 0.67
CA ASP A 34 7.44 -1.25 1.03
C ASP A 34 7.86 -2.67 0.69
N PRO A 35 8.83 -2.80 -0.21
CA PRO A 35 9.39 -4.09 -0.60
C PRO A 35 10.14 -4.79 0.54
N ASN A 36 10.56 -4.01 1.55
CA ASN A 36 11.36 -4.57 2.64
C ASN A 36 10.51 -5.31 3.66
N SER A 37 9.39 -4.72 4.05
CA SER A 37 8.49 -5.34 5.02
C SER A 37 7.38 -6.07 4.30
N GLN A 38 7.25 -5.77 3.01
CA GLN A 38 6.33 -6.45 2.11
C GLN A 38 4.87 -6.30 2.54
N TYR A 39 4.51 -5.13 3.08
CA TYR A 39 3.11 -4.84 3.33
C TYR A 39 2.71 -3.53 2.68
N TYR A 40 1.40 -3.34 2.56
CA TYR A 40 0.82 -2.17 1.92
C TYR A 40 -0.01 -1.42 2.94
N TYR A 41 -0.48 -0.25 2.60
CA TYR A 41 -1.48 0.43 3.41
C TYR A 41 -2.21 1.50 2.59
N ASN A 42 -3.52 1.56 2.71
CA ASN A 42 -4.32 2.54 1.97
C ASN A 42 -4.74 3.66 2.92
N SER A 43 -4.28 4.87 2.64
CA SER A 43 -4.52 6.00 3.53
C SER A 43 -5.83 6.71 3.21
N LEU A 44 -6.60 6.15 2.27
CA LEU A 44 -7.95 6.64 2.01
C LEU A 44 -8.90 6.05 3.05
N THR A 45 -8.54 4.88 3.56
CA THR A 45 -9.31 4.23 4.60
C THR A 45 -8.54 4.19 5.91
N GLN A 46 -7.29 4.65 5.85
CA GLN A 46 -6.39 4.69 7.00
C GLN A 46 -6.10 3.28 7.51
N GLN A 47 -5.92 2.35 6.60
CA GLN A 47 -5.76 0.95 6.96
C GLN A 47 -4.44 0.38 6.42
N TYR A 48 -3.80 -0.45 7.23
CA TYR A 48 -2.67 -1.25 6.78
C TYR A 48 -3.18 -2.49 6.03
N LEU A 49 -2.63 -2.75 4.86
CA LEU A 49 -3.12 -3.82 3.98
C LEU A 49 -1.96 -4.67 3.44
N TYR A 50 -2.29 -5.67 2.66
CA TYR A 50 -1.30 -6.42 1.90
C TYR A 50 -1.97 -7.02 0.67
N TRP A 51 -1.18 -7.30 -0.36
CA TRP A 51 -1.72 -7.92 -1.55
C TRP A 51 -1.72 -9.44 -1.40
N ASP A 52 -2.89 -9.98 -1.11
CA ASP A 52 -3.08 -11.42 -1.03
C ASP A 52 -2.87 -12.05 -2.40
N GLY A 53 -3.47 -11.42 -3.41
CA GLY A 53 -3.33 -11.91 -4.76
C GLY A 53 -4.56 -12.65 -5.22
N GLU A 54 -4.95 -13.69 -4.48
CA GLU A 54 -6.03 -14.56 -4.91
C GLU A 54 -7.38 -13.95 -4.55
N LYS A 55 -7.40 -13.04 -3.60
CA LYS A 55 -8.62 -12.33 -3.24
C LYS A 55 -8.92 -11.27 -4.29
N GLU A 56 -7.91 -10.99 -5.14
CA GLU A 56 -8.01 -10.00 -6.21
C GLU A 56 -8.35 -8.62 -5.69
N THR A 57 -7.97 -8.36 -4.45
CA THR A 57 -8.15 -7.05 -3.84
C THR A 57 -7.19 -6.91 -2.67
N TYR A 58 -6.93 -5.68 -2.27
CA TYR A 58 -6.04 -5.42 -1.14
C TYR A 58 -6.77 -5.70 0.16
N VAL A 59 -6.22 -6.59 0.96
CA VAL A 59 -6.82 -6.96 2.21
C VAL A 59 -5.98 -6.47 3.38
N PRO A 60 -6.63 -5.75 4.30
CA PRO A 60 -5.98 -5.19 5.49
C PRO A 60 -5.47 -6.27 6.44
N ALA A 61 -4.32 -6.02 7.04
CA ALA A 61 -3.76 -6.93 8.02
C ALA A 61 -4.38 -6.68 9.38
N ALA A 62 -5.70 -6.55 9.38
CA ALA A 62 -6.46 -6.23 10.56
C ALA A 62 -7.83 -6.88 10.49
N GLU A 63 -8.41 -7.11 11.65
CA GLU A 63 -9.74 -7.71 11.76
C GLU A 63 -10.80 -6.86 11.05
N SER A 64 -11.78 -7.51 10.46
CA SER A 64 -12.87 -6.82 9.78
C SER A 64 -14.18 -7.58 9.96
N GLY B 1 -1.15 13.64 13.28
CA GLY B 1 -1.28 12.89 12.00
C GLY B 1 -2.72 12.51 11.71
N MET B 2 -2.93 11.87 10.57
CA MET B 2 -4.27 11.45 10.14
C MET B 2 -4.24 10.01 9.66
N ARG B 3 -3.10 9.37 9.85
CA ARG B 3 -2.83 8.12 9.15
C ARG B 3 -1.58 7.47 9.70
N PRO B 4 -1.41 6.17 9.42
CA PRO B 4 -0.12 5.49 9.58
C PRO B 4 0.92 6.01 8.59
N PRO B 5 2.15 5.58 8.72
CA PRO B 5 3.23 5.91 7.78
C PRO B 5 3.42 4.82 6.74
N PRO B 6 4.23 5.06 5.72
CA PRO B 6 4.57 4.03 4.75
C PRO B 6 5.27 2.86 5.41
N PRO B 7 4.96 1.65 4.94
CA PRO B 7 5.43 0.42 5.57
C PRO B 7 6.94 0.41 5.75
N GLY B 8 7.37 0.07 6.95
CA GLY B 8 8.78 0.14 7.26
C GLY B 8 9.02 1.02 8.46
N ILE B 9 9.12 2.32 8.21
CA ILE B 9 9.48 3.33 9.20
C ILE B 9 10.41 2.80 10.29
N ARG B 10 11.55 2.25 9.85
CA ARG B 10 12.54 1.70 10.75
C ARG B 10 13.81 2.54 10.69
N GLY B 11 14.50 2.65 11.81
CA GLY B 11 15.73 3.41 11.83
C GLY B 11 15.47 4.91 11.80
N GLY A 1 -8.92 -12.88 -16.37
CA GLY A 1 -9.29 -12.31 -17.69
C GLY A 1 -10.67 -11.71 -17.68
N ALA A 2 -11.00 -10.96 -18.75
CA ALA A 2 -12.31 -10.29 -18.88
C ALA A 2 -12.49 -9.24 -17.78
N MET A 3 -12.08 -8.01 -18.08
CA MET A 3 -12.12 -6.92 -17.11
C MET A 3 -11.21 -7.26 -15.93
N GLY A 4 -10.08 -7.88 -16.25
CA GLY A 4 -9.17 -8.37 -15.22
C GLY A 4 -8.41 -7.27 -14.51
N THR A 5 -8.33 -6.10 -15.13
CA THR A 5 -7.64 -4.96 -14.53
C THR A 5 -8.47 -4.35 -13.39
N LYS A 6 -8.65 -5.14 -12.35
CA LYS A 6 -9.42 -4.75 -11.18
C LYS A 6 -8.51 -4.02 -10.18
N TYR A 7 -7.64 -4.78 -9.57
CA TYR A 7 -6.63 -4.24 -8.65
C TYR A 7 -5.32 -5.00 -8.85
N ALA A 8 -5.20 -6.13 -8.15
CA ALA A 8 -4.05 -7.02 -8.24
C ALA A 8 -2.71 -6.30 -8.10
N VAL A 9 -1.95 -6.25 -9.17
CA VAL A 9 -0.58 -5.79 -9.12
C VAL A 9 -0.50 -4.28 -9.29
N PRO A 10 0.17 -3.61 -8.35
CA PRO A 10 0.38 -2.17 -8.37
C PRO A 10 1.54 -1.79 -9.29
N ASP A 11 1.38 -0.70 -10.03
CA ASP A 11 2.41 -0.25 -10.94
C ASP A 11 3.39 0.66 -10.21
N THR A 12 4.68 0.44 -10.45
CA THR A 12 5.72 1.12 -9.70
C THR A 12 6.07 2.50 -10.26
N SER A 13 5.49 2.86 -11.40
CA SER A 13 5.81 4.14 -12.02
C SER A 13 4.96 5.27 -11.44
N THR A 14 3.82 4.93 -10.86
CA THR A 14 2.91 5.94 -10.34
C THR A 14 3.14 6.21 -8.85
N TYR A 15 4.00 5.39 -8.24
CA TYR A 15 4.35 5.59 -6.84
C TYR A 15 5.38 6.71 -6.70
N GLN A 16 5.15 7.58 -5.73
CA GLN A 16 6.11 8.61 -5.37
C GLN A 16 7.05 8.08 -4.30
N TYR A 17 8.18 8.73 -4.11
CA TYR A 17 9.13 8.29 -3.11
C TYR A 17 9.05 9.19 -1.87
N ASP A 18 8.45 8.65 -0.82
CA ASP A 18 8.36 9.35 0.46
C ASP A 18 9.70 9.34 1.15
N GLU A 19 10.33 10.51 1.24
CA GLU A 19 11.68 10.63 1.77
C GLU A 19 11.73 10.40 3.28
N SER A 20 10.64 10.71 3.97
CA SER A 20 10.59 10.67 5.43
C SER A 20 10.72 9.22 5.95
N SER A 21 9.95 8.32 5.36
CA SER A 21 10.04 6.91 5.71
C SER A 21 10.95 6.17 4.74
N GLY A 22 11.00 6.66 3.50
CA GLY A 22 11.89 6.09 2.50
C GLY A 22 11.22 5.04 1.65
N TYR A 23 9.92 5.19 1.40
CA TYR A 23 9.13 4.15 0.73
C TYR A 23 8.23 4.75 -0.34
N TYR A 24 7.52 3.88 -1.05
CA TYR A 24 6.67 4.31 -2.15
C TYR A 24 5.27 4.68 -1.70
N TYR A 25 4.76 5.78 -2.27
CA TYR A 25 3.40 6.23 -2.03
C TYR A 25 2.73 6.55 -3.36
N ASP A 26 1.68 5.81 -3.69
CA ASP A 26 0.92 6.05 -4.92
C ASP A 26 -0.24 6.99 -4.62
N PRO A 27 -0.14 8.24 -5.05
CA PRO A 27 -1.16 9.26 -4.79
C PRO A 27 -2.50 8.97 -5.46
N THR A 28 -2.45 8.25 -6.58
CA THR A 28 -3.64 7.97 -7.35
C THR A 28 -4.58 7.00 -6.63
N THR A 29 -4.03 5.93 -6.07
CA THR A 29 -4.82 4.95 -5.36
C THR A 29 -4.82 5.22 -3.85
N GLY A 30 -3.73 5.81 -3.37
CA GLY A 30 -3.60 6.07 -1.95
C GLY A 30 -2.81 4.97 -1.25
N LEU A 31 -2.21 4.09 -2.05
CA LEU A 31 -1.49 2.94 -1.53
C LEU A 31 -0.05 3.24 -1.19
N TYR A 32 0.37 2.79 -0.03
CA TYR A 32 1.76 2.81 0.39
C TYR A 32 2.38 1.44 0.08
N TYR A 33 3.67 1.41 -0.22
CA TYR A 33 4.33 0.14 -0.53
C TYR A 33 5.77 0.09 -0.03
N ASP A 34 6.09 -0.96 0.71
CA ASP A 34 7.48 -1.23 1.09
C ASP A 34 7.94 -2.55 0.50
N PRO A 35 8.99 -2.53 -0.33
CA PRO A 35 9.52 -3.73 -0.96
C PRO A 35 10.10 -4.72 0.05
N ASN A 36 10.48 -4.22 1.23
CA ASN A 36 11.10 -5.07 2.25
C ASN A 36 10.08 -5.88 3.05
N SER A 37 8.99 -5.23 3.46
CA SER A 37 7.95 -5.92 4.21
C SER A 37 6.83 -6.37 3.30
N GLN A 38 6.85 -5.82 2.09
CA GLN A 38 5.86 -6.10 1.05
C GLN A 38 4.42 -5.94 1.52
N TYR A 39 4.20 -5.09 2.52
CA TYR A 39 2.85 -4.75 2.88
C TYR A 39 2.53 -3.36 2.36
N TYR A 40 1.25 -3.14 2.16
CA TYR A 40 0.74 -1.91 1.61
C TYR A 40 -0.04 -1.21 2.68
N TYR A 41 -0.50 -0.01 2.40
CA TYR A 41 -1.54 0.58 3.23
C TYR A 41 -2.26 1.66 2.43
N ASN A 42 -3.58 1.65 2.50
CA ASN A 42 -4.39 2.64 1.79
C ASN A 42 -4.74 3.78 2.73
N SER A 43 -4.25 4.97 2.42
CA SER A 43 -4.42 6.12 3.30
C SER A 43 -5.74 6.85 3.04
N LEU A 44 -6.56 6.28 2.15
CA LEU A 44 -7.92 6.75 1.99
C LEU A 44 -8.82 6.04 2.99
N THR A 45 -8.50 4.78 3.25
CA THR A 45 -9.24 3.98 4.22
C THR A 45 -8.54 3.99 5.58
N GLN A 46 -7.31 4.52 5.60
CA GLN A 46 -6.50 4.60 6.81
C GLN A 46 -6.08 3.20 7.27
N GLN A 47 -5.98 2.27 6.33
CA GLN A 47 -5.76 0.88 6.69
C GLN A 47 -4.48 0.32 6.09
N TYR A 48 -3.71 -0.33 6.95
CA TYR A 48 -2.56 -1.10 6.52
C TYR A 48 -3.05 -2.36 5.78
N LEU A 49 -2.61 -2.53 4.54
CA LEU A 49 -3.12 -3.58 3.67
C LEU A 49 -2.05 -4.61 3.30
N TYR A 50 -2.49 -5.69 2.69
CA TYR A 50 -1.62 -6.75 2.23
C TYR A 50 -2.17 -7.32 0.93
N TRP A 51 -1.29 -7.53 -0.05
CA TRP A 51 -1.69 -8.06 -1.34
C TRP A 51 -1.86 -9.58 -1.23
N ASP A 52 -3.12 -10.00 -1.15
CA ASP A 52 -3.45 -11.41 -0.99
C ASP A 52 -3.14 -12.22 -2.24
N GLY A 53 -3.63 -11.74 -3.38
CA GLY A 53 -3.40 -12.42 -4.64
C GLY A 53 -4.56 -13.28 -5.07
N GLU A 54 -4.98 -14.18 -4.21
CA GLU A 54 -6.04 -15.13 -4.52
C GLU A 54 -7.42 -14.46 -4.45
N LYS A 55 -7.62 -13.64 -3.43
CA LYS A 55 -8.85 -12.86 -3.31
C LYS A 55 -8.79 -11.66 -4.25
N GLU A 56 -7.59 -11.43 -4.79
CA GLU A 56 -7.31 -10.35 -5.74
C GLU A 56 -7.64 -8.98 -5.15
N THR A 57 -7.56 -8.85 -3.85
CA THR A 57 -7.87 -7.59 -3.19
C THR A 57 -6.86 -7.31 -2.08
N TYR A 58 -6.94 -6.11 -1.52
CA TYR A 58 -6.05 -5.69 -0.46
C TYR A 58 -6.75 -5.85 0.88
N VAL A 59 -6.36 -6.89 1.60
CA VAL A 59 -6.92 -7.17 2.91
C VAL A 59 -6.01 -6.62 3.99
N PRO A 60 -6.58 -6.02 5.04
CA PRO A 60 -5.80 -5.42 6.14
C PRO A 60 -4.83 -6.41 6.76
N ALA A 61 -3.57 -6.01 6.88
CA ALA A 61 -2.53 -6.85 7.42
C ALA A 61 -2.44 -6.69 8.93
N ALA A 62 -3.60 -6.66 9.57
CA ALA A 62 -3.67 -6.47 11.01
C ALA A 62 -3.81 -7.81 11.74
N GLU A 63 -2.97 -8.76 11.38
CA GLU A 63 -3.02 -10.09 11.97
C GLU A 63 -2.60 -10.03 13.44
N SER A 64 -3.56 -10.28 14.32
CA SER A 64 -3.29 -10.31 15.74
C SER A 64 -3.90 -11.57 16.35
N GLY B 1 -1.25 11.54 13.66
CA GLY B 1 -1.85 12.18 12.48
C GLY B 1 -3.11 11.47 12.02
N MET B 2 -3.49 11.69 10.77
CA MET B 2 -4.64 11.03 10.19
C MET B 2 -4.26 9.64 9.72
N ARG B 3 -3.11 9.56 9.12
CA ARG B 3 -2.68 8.36 8.44
C ARG B 3 -1.52 7.71 9.16
N PRO B 4 -1.37 6.39 9.02
CA PRO B 4 -0.12 5.70 9.32
C PRO B 4 1.00 6.15 8.38
N PRO B 5 2.22 5.69 8.62
CA PRO B 5 3.35 6.00 7.76
C PRO B 5 3.52 4.94 6.68
N PRO B 6 4.36 5.18 5.67
CA PRO B 6 4.66 4.17 4.67
C PRO B 6 5.31 2.96 5.31
N PRO B 7 4.98 1.77 4.82
CA PRO B 7 5.43 0.51 5.42
C PRO B 7 6.92 0.46 5.59
N GLY B 8 7.34 0.12 6.79
CA GLY B 8 8.74 0.20 7.15
C GLY B 8 8.91 0.86 8.48
N ILE B 9 9.22 2.16 8.44
CA ILE B 9 9.36 3.01 9.62
C ILE B 9 9.97 2.25 10.79
N ARG B 10 11.07 1.55 10.49
CA ARG B 10 11.75 0.68 11.43
C ARG B 10 12.91 1.42 12.09
N GLY B 11 13.74 0.66 12.79
CA GLY B 11 14.95 1.22 13.34
C GLY B 11 16.17 0.63 12.66
N GLY A 1 -17.39 4.21 -0.75
CA GLY A 1 -15.97 3.91 -0.98
C GLY A 1 -15.77 2.85 -2.04
N ALA A 2 -16.57 2.91 -3.10
CA ALA A 2 -16.50 1.93 -4.17
C ALA A 2 -16.31 2.59 -5.53
N MET A 3 -15.08 2.99 -5.81
CA MET A 3 -14.73 3.55 -7.12
C MET A 3 -13.87 2.55 -7.89
N GLY A 4 -14.00 1.28 -7.52
CA GLY A 4 -13.26 0.24 -8.19
C GLY A 4 -14.03 -1.06 -8.21
N THR A 5 -13.95 -1.77 -9.32
CA THR A 5 -14.61 -3.04 -9.47
C THR A 5 -13.82 -4.15 -8.78
N LYS A 6 -12.54 -4.25 -9.11
CA LYS A 6 -11.64 -5.17 -8.46
C LYS A 6 -10.23 -4.61 -8.53
N TYR A 7 -9.32 -5.18 -7.76
CA TYR A 7 -7.96 -4.68 -7.72
C TYR A 7 -6.98 -5.77 -8.12
N ALA A 8 -5.73 -5.38 -8.34
CA ALA A 8 -4.67 -6.32 -8.66
C ALA A 8 -3.32 -5.78 -8.20
N VAL A 9 -2.26 -6.35 -8.76
CA VAL A 9 -0.91 -5.90 -8.45
C VAL A 9 -0.70 -4.46 -8.93
N PRO A 10 -0.32 -3.56 -8.00
CA PRO A 10 -0.09 -2.15 -8.31
C PRO A 10 1.19 -1.94 -9.11
N ASP A 11 1.18 -0.93 -9.96
CA ASP A 11 2.35 -0.60 -10.78
C ASP A 11 3.33 0.22 -9.96
N THR A 12 4.54 -0.31 -9.79
CA THR A 12 5.54 0.33 -8.96
C THR A 12 6.07 1.63 -9.59
N SER A 13 5.67 1.90 -10.82
CA SER A 13 6.13 3.07 -11.55
C SER A 13 5.29 4.32 -11.22
N THR A 14 4.13 4.13 -10.60
CA THR A 14 3.24 5.26 -10.33
C THR A 14 3.45 5.84 -8.93
N TYR A 15 4.29 5.19 -8.14
CA TYR A 15 4.52 5.61 -6.76
C TYR A 15 5.48 6.79 -6.68
N GLN A 16 5.24 7.63 -5.70
CA GLN A 16 6.13 8.72 -5.34
C GLN A 16 7.02 8.26 -4.19
N TYR A 17 8.22 8.81 -4.09
CA TYR A 17 9.16 8.36 -3.06
C TYR A 17 9.15 9.31 -1.86
N ASP A 18 8.60 8.83 -0.74
CA ASP A 18 8.64 9.59 0.50
C ASP A 18 9.97 9.38 1.19
N GLU A 19 10.82 10.39 1.15
CA GLU A 19 12.17 10.30 1.66
C GLU A 19 12.22 10.23 3.19
N SER A 20 11.11 10.58 3.85
CA SER A 20 11.08 10.59 5.31
C SER A 20 11.07 9.15 5.85
N SER A 21 10.19 8.33 5.30
CA SER A 21 10.13 6.93 5.65
C SER A 21 11.07 6.13 4.73
N GLY A 22 11.21 6.62 3.50
CA GLY A 22 12.08 6.00 2.53
C GLY A 22 11.35 5.01 1.63
N TYR A 23 10.05 5.19 1.47
CA TYR A 23 9.23 4.20 0.77
C TYR A 23 8.34 4.84 -0.29
N TYR A 24 7.60 3.98 -0.99
CA TYR A 24 6.79 4.41 -2.13
C TYR A 24 5.34 4.67 -1.73
N TYR A 25 4.79 5.75 -2.28
CA TYR A 25 3.40 6.13 -2.07
C TYR A 25 2.72 6.36 -3.42
N ASP A 26 1.64 5.62 -3.69
CA ASP A 26 0.93 5.79 -4.96
C ASP A 26 -0.21 6.77 -4.81
N PRO A 27 -0.11 7.93 -5.49
CA PRO A 27 -1.14 8.96 -5.44
C PRO A 27 -2.46 8.52 -6.06
N THR A 28 -2.38 7.53 -6.93
CA THR A 28 -3.54 7.06 -7.68
C THR A 28 -4.56 6.38 -6.77
N THR A 29 -4.12 5.34 -6.08
CA THR A 29 -5.00 4.57 -5.22
C THR A 29 -4.82 4.94 -3.76
N GLY A 30 -3.79 5.73 -3.49
CA GLY A 30 -3.52 6.15 -2.13
C GLY A 30 -2.90 5.04 -1.31
N LEU A 31 -2.23 4.12 -1.98
CA LEU A 31 -1.60 2.99 -1.31
C LEU A 31 -0.13 3.26 -1.03
N TYR A 32 0.28 2.83 0.14
CA TYR A 32 1.67 2.83 0.55
C TYR A 32 2.28 1.47 0.21
N TYR A 33 3.53 1.44 -0.24
CA TYR A 33 4.18 0.16 -0.52
C TYR A 33 5.65 0.18 -0.12
N ASP A 34 6.05 -0.87 0.59
CA ASP A 34 7.47 -1.09 0.87
C ASP A 34 7.89 -2.48 0.40
N PRO A 35 8.87 -2.54 -0.51
CA PRO A 35 9.39 -3.79 -1.04
C PRO A 35 10.07 -4.65 0.03
N ASN A 36 10.52 -4.01 1.10
CA ASN A 36 11.29 -4.71 2.14
C ASN A 36 10.37 -5.49 3.07
N SER A 37 9.29 -4.88 3.50
CA SER A 37 8.34 -5.52 4.42
C SER A 37 7.19 -6.15 3.65
N GLN A 38 7.07 -5.77 2.39
CA GLN A 38 6.11 -6.35 1.45
C GLN A 38 4.66 -6.03 1.78
N TYR A 39 4.43 -5.14 2.73
CA TYR A 39 3.05 -4.77 3.04
C TYR A 39 2.69 -3.42 2.45
N TYR A 40 1.40 -3.22 2.31
CA TYR A 40 0.82 -2.01 1.74
C TYR A 40 0.02 -1.31 2.81
N TYR A 41 -0.47 -0.13 2.52
CA TYR A 41 -1.47 0.48 3.37
C TYR A 41 -2.25 1.52 2.59
N ASN A 42 -3.58 1.40 2.62
CA ASN A 42 -4.44 2.34 1.92
C ASN A 42 -4.88 3.44 2.88
N SER A 43 -4.42 4.65 2.64
CA SER A 43 -4.69 5.77 3.53
C SER A 43 -6.03 6.42 3.24
N LEU A 44 -6.73 5.90 2.23
CA LEU A 44 -8.08 6.37 1.95
C LEU A 44 -9.05 5.76 2.96
N THR A 45 -8.85 4.47 3.24
CA THR A 45 -9.64 3.79 4.25
C THR A 45 -8.93 3.82 5.60
N GLN A 46 -7.68 4.31 5.57
CA GLN A 46 -6.87 4.48 6.78
C GLN A 46 -6.52 3.13 7.39
N GLN A 47 -6.01 2.22 6.57
CA GLN A 47 -5.70 0.87 7.02
C GLN A 47 -4.40 0.34 6.44
N TYR A 48 -3.68 -0.41 7.24
CA TYR A 48 -2.53 -1.19 6.77
C TYR A 48 -3.04 -2.44 6.05
N LEU A 49 -2.53 -2.71 4.86
CA LEU A 49 -3.04 -3.76 3.99
C LEU A 49 -1.90 -4.58 3.38
N TYR A 50 -2.26 -5.59 2.58
CA TYR A 50 -1.29 -6.26 1.73
C TYR A 50 -2.01 -6.87 0.53
N TRP A 51 -1.31 -6.95 -0.60
CA TRP A 51 -1.89 -7.55 -1.80
C TRP A 51 -1.93 -9.06 -1.63
N ASP A 52 -3.10 -9.56 -1.29
CA ASP A 52 -3.29 -10.98 -1.05
C ASP A 52 -3.15 -11.78 -2.34
N GLY A 53 -3.75 -11.25 -3.40
CA GLY A 53 -3.66 -11.90 -4.70
C GLY A 53 -4.74 -12.94 -4.89
N GLU A 54 -4.91 -13.80 -3.89
CA GLU A 54 -5.89 -14.87 -3.95
C GLU A 54 -7.30 -14.29 -4.02
N LYS A 55 -7.60 -13.36 -3.10
CA LYS A 55 -8.93 -12.76 -3.02
C LYS A 55 -9.13 -11.69 -4.10
N GLU A 56 -8.10 -11.45 -4.90
CA GLU A 56 -8.13 -10.44 -5.97
C GLU A 56 -8.46 -9.05 -5.42
N THR A 57 -8.07 -8.80 -4.18
CA THR A 57 -8.27 -7.49 -3.57
C THR A 57 -7.25 -7.28 -2.45
N TYR A 58 -7.18 -6.06 -1.95
CA TYR A 58 -6.26 -5.72 -0.88
C TYR A 58 -6.90 -6.03 0.45
N VAL A 59 -6.19 -6.75 1.31
CA VAL A 59 -6.72 -7.10 2.62
C VAL A 59 -5.86 -6.49 3.73
N PRO A 60 -6.50 -5.77 4.65
CA PRO A 60 -5.84 -5.13 5.79
C PRO A 60 -5.43 -6.11 6.88
N ALA A 61 -4.36 -5.78 7.58
CA ALA A 61 -3.84 -6.63 8.65
C ALA A 61 -4.56 -6.33 9.96
N ALA A 62 -5.90 -6.37 9.93
CA ALA A 62 -6.73 -6.13 11.10
C ALA A 62 -6.46 -4.77 11.73
N GLU A 63 -6.13 -3.78 10.90
CA GLU A 63 -5.79 -2.45 11.39
C GLU A 63 -7.02 -1.79 12.02
N SER A 64 -6.97 -1.65 13.35
CA SER A 64 -8.08 -1.10 14.09
C SER A 64 -7.69 0.26 14.67
N GLY B 1 -0.76 12.88 11.68
CA GLY B 1 -2.11 13.02 11.08
C GLY B 1 -3.05 11.93 11.53
N MET B 2 -3.99 11.56 10.67
CA MET B 2 -4.95 10.51 10.98
C MET B 2 -4.40 9.17 10.56
N ARG B 3 -3.50 9.21 9.60
CA ARG B 3 -3.06 8.02 8.90
C ARG B 3 -1.73 7.51 9.44
N PRO B 4 -1.48 6.23 9.25
CA PRO B 4 -0.15 5.63 9.46
C PRO B 4 0.89 6.17 8.47
N PRO B 5 2.15 5.77 8.64
CA PRO B 5 3.24 6.11 7.73
C PRO B 5 3.44 5.01 6.70
N PRO B 6 4.29 5.23 5.69
CA PRO B 6 4.60 4.20 4.71
C PRO B 6 5.28 3.00 5.35
N PRO B 7 4.99 1.81 4.83
CA PRO B 7 5.43 0.55 5.42
C PRO B 7 6.92 0.53 5.66
N GLY B 8 7.30 0.17 6.87
CA GLY B 8 8.69 0.25 7.26
C GLY B 8 8.86 1.07 8.52
N ILE B 9 9.15 2.35 8.32
CA ILE B 9 9.39 3.33 9.38
C ILE B 9 10.13 2.70 10.57
N ARG B 10 11.15 1.91 10.24
CA ARG B 10 11.93 1.18 11.21
C ARG B 10 13.19 1.96 11.57
N GLY B 11 13.37 2.20 12.86
CA GLY B 11 14.57 2.86 13.33
C GLY B 11 15.57 1.84 13.82
N GLY A 1 -3.42 -7.18 -18.29
CA GLY A 1 -4.72 -7.11 -19.02
C GLY A 1 -5.46 -5.82 -18.74
N ALA A 2 -6.74 -5.94 -18.43
CA ALA A 2 -7.58 -4.79 -18.17
C ALA A 2 -7.72 -4.52 -16.68
N MET A 3 -7.26 -3.35 -16.26
CA MET A 3 -7.37 -2.93 -14.87
C MET A 3 -8.26 -1.69 -14.77
N GLY A 4 -9.45 -1.87 -14.22
CA GLY A 4 -10.35 -0.76 -14.04
C GLY A 4 -9.84 0.22 -13.00
N THR A 5 -9.75 -0.24 -11.77
CA THR A 5 -9.24 0.59 -10.68
C THR A 5 -7.81 0.19 -10.32
N LYS A 6 -7.33 -0.85 -11.00
CA LYS A 6 -5.96 -1.36 -10.84
C LYS A 6 -5.71 -1.86 -9.41
N TYR A 7 -6.73 -2.49 -8.83
CA TYR A 7 -6.63 -3.01 -7.47
C TYR A 7 -6.06 -4.42 -7.45
N ALA A 8 -4.91 -4.59 -8.10
CA ALA A 8 -4.24 -5.87 -8.08
C ALA A 8 -2.73 -5.69 -8.14
N VAL A 9 -2.19 -5.65 -9.33
CA VAL A 9 -0.76 -5.47 -9.50
C VAL A 9 -0.44 -3.97 -9.61
N PRO A 10 0.21 -3.42 -8.59
CA PRO A 10 0.53 -1.99 -8.51
C PRO A 10 1.69 -1.61 -9.43
N ASP A 11 1.53 -0.49 -10.11
CA ASP A 11 2.58 0.04 -10.97
C ASP A 11 3.59 0.79 -10.13
N THR A 12 4.80 0.26 -10.04
CA THR A 12 5.83 0.86 -9.21
C THR A 12 6.30 2.21 -9.77
N SER A 13 5.97 2.48 -11.03
CA SER A 13 6.38 3.72 -11.68
C SER A 13 5.43 4.87 -11.36
N THR A 14 4.24 4.56 -10.85
CA THR A 14 3.27 5.61 -10.55
C THR A 14 3.38 6.05 -9.09
N TYR A 15 4.11 5.28 -8.30
CA TYR A 15 4.33 5.62 -6.90
C TYR A 15 5.32 6.78 -6.78
N GLN A 16 5.09 7.62 -5.78
CA GLN A 16 5.99 8.70 -5.44
C GLN A 16 6.94 8.23 -4.33
N TYR A 17 8.06 8.88 -4.19
CA TYR A 17 9.04 8.49 -3.18
C TYR A 17 8.97 9.40 -1.96
N ASP A 18 8.79 8.79 -0.79
CA ASP A 18 8.86 9.51 0.47
C ASP A 18 10.24 9.31 1.09
N GLU A 19 10.97 10.41 1.24
CA GLU A 19 12.35 10.35 1.71
C GLU A 19 12.46 9.93 3.18
N SER A 20 11.56 10.42 4.02
CA SER A 20 11.66 10.19 5.46
C SER A 20 11.51 8.71 5.79
N SER A 21 10.51 8.07 5.22
CA SER A 21 10.27 6.65 5.45
C SER A 21 11.11 5.83 4.47
N GLY A 22 11.33 6.40 3.29
CA GLY A 22 12.14 5.73 2.28
C GLY A 22 11.33 4.75 1.46
N TYR A 23 10.05 5.05 1.26
CA TYR A 23 9.13 4.10 0.63
C TYR A 23 8.30 4.79 -0.45
N TYR A 24 7.48 4.02 -1.13
CA TYR A 24 6.71 4.55 -2.25
C TYR A 24 5.23 4.75 -1.88
N TYR A 25 4.66 5.84 -2.37
CA TYR A 25 3.26 6.17 -2.17
C TYR A 25 2.60 6.53 -3.50
N ASP A 26 1.53 5.84 -3.84
CA ASP A 26 0.84 6.07 -5.11
C ASP A 26 -0.25 7.12 -4.94
N PRO A 27 -0.10 8.28 -5.61
CA PRO A 27 -1.04 9.40 -5.50
C PRO A 27 -2.42 9.09 -6.06
N THR A 28 -2.46 8.26 -7.09
CA THR A 28 -3.71 7.95 -7.76
C THR A 28 -4.63 7.05 -6.92
N THR A 29 -4.08 5.95 -6.44
CA THR A 29 -4.86 4.99 -5.68
C THR A 29 -4.87 5.34 -4.19
N GLY A 30 -3.78 5.94 -3.74
CA GLY A 30 -3.67 6.33 -2.34
C GLY A 30 -3.03 5.23 -1.50
N LEU A 31 -2.28 4.37 -2.17
CA LEU A 31 -1.66 3.23 -1.49
C LEU A 31 -0.20 3.48 -1.16
N TYR A 32 0.17 3.02 0.01
CA TYR A 32 1.56 2.98 0.45
C TYR A 32 2.12 1.60 0.14
N TYR A 33 3.41 1.51 -0.16
CA TYR A 33 4.04 0.22 -0.41
C TYR A 33 5.50 0.21 0.01
N ASP A 34 5.88 -0.83 0.74
CA ASP A 34 7.30 -1.10 0.98
C ASP A 34 7.62 -2.52 0.56
N PRO A 35 8.57 -2.68 -0.38
CA PRO A 35 8.97 -3.98 -0.86
C PRO A 35 9.68 -4.80 0.22
N ASN A 36 10.24 -4.11 1.21
CA ASN A 36 10.99 -4.79 2.28
C ASN A 36 10.07 -5.39 3.34
N SER A 37 9.08 -4.62 3.76
CA SER A 37 8.13 -5.07 4.76
C SER A 37 6.98 -5.84 4.10
N GLN A 38 6.90 -5.70 2.78
CA GLN A 38 5.99 -6.49 1.94
C GLN A 38 4.53 -6.10 2.12
N TYR A 39 4.23 -5.19 3.05
CA TYR A 39 2.85 -4.80 3.26
C TYR A 39 2.52 -3.50 2.54
N TYR A 40 1.24 -3.36 2.26
CA TYR A 40 0.68 -2.18 1.62
C TYR A 40 -0.07 -1.41 2.68
N TYR A 41 -0.57 -0.25 2.33
CA TYR A 41 -1.43 0.49 3.23
C TYR A 41 -2.29 1.48 2.45
N ASN A 42 -3.59 1.34 2.58
CA ASN A 42 -4.54 2.23 1.90
C ASN A 42 -5.01 3.31 2.87
N SER A 43 -4.63 4.55 2.61
CA SER A 43 -4.93 5.64 3.53
C SER A 43 -6.35 6.18 3.34
N LEU A 44 -7.01 5.76 2.26
CA LEU A 44 -8.40 6.13 2.05
C LEU A 44 -9.28 5.46 3.10
N THR A 45 -8.91 4.24 3.46
CA THR A 45 -9.62 3.49 4.49
C THR A 45 -8.83 3.52 5.81
N GLN A 46 -7.65 4.12 5.75
CA GLN A 46 -6.73 4.21 6.88
C GLN A 46 -6.36 2.81 7.36
N GLN A 47 -6.06 1.92 6.43
CA GLN A 47 -5.81 0.53 6.77
C GLN A 47 -4.48 0.03 6.23
N TYR A 48 -3.68 -0.53 7.13
CA TYR A 48 -2.49 -1.27 6.74
C TYR A 48 -2.90 -2.58 6.08
N LEU A 49 -2.47 -2.77 4.84
CA LEU A 49 -2.94 -3.88 4.01
C LEU A 49 -1.80 -4.79 3.57
N TYR A 50 -2.15 -5.84 2.85
CA TYR A 50 -1.17 -6.66 2.16
C TYR A 50 -1.81 -7.23 0.91
N TRP A 51 -1.03 -7.40 -0.14
CA TRP A 51 -1.55 -7.93 -1.39
C TRP A 51 -1.72 -9.43 -1.31
N ASP A 52 -2.96 -9.85 -1.10
CA ASP A 52 -3.27 -11.27 -0.98
C ASP A 52 -3.05 -11.99 -2.30
N GLY A 53 -3.42 -11.33 -3.39
CA GLY A 53 -3.24 -11.92 -4.70
C GLY A 53 -4.49 -12.63 -5.19
N GLU A 54 -4.86 -13.71 -4.52
CA GLU A 54 -5.96 -14.55 -4.97
C GLU A 54 -7.32 -14.00 -4.51
N LYS A 55 -7.31 -13.19 -3.47
CA LYS A 55 -8.51 -12.45 -3.09
C LYS A 55 -8.70 -11.26 -4.02
N GLU A 56 -7.65 -10.97 -4.77
CA GLU A 56 -7.63 -9.87 -5.74
C GLU A 56 -8.01 -8.54 -5.11
N THR A 57 -7.68 -8.38 -3.84
CA THR A 57 -7.91 -7.14 -3.14
C THR A 57 -6.86 -6.97 -2.05
N TYR A 58 -6.67 -5.73 -1.60
CA TYR A 58 -5.73 -5.42 -0.55
C TYR A 58 -6.41 -5.56 0.79
N VAL A 59 -6.09 -6.64 1.49
CA VAL A 59 -6.74 -6.95 2.75
C VAL A 59 -5.84 -6.59 3.92
N PRO A 60 -6.42 -6.17 5.05
CA PRO A 60 -5.66 -5.72 6.21
C PRO A 60 -4.74 -6.79 6.77
N ALA A 61 -3.46 -6.43 6.94
CA ALA A 61 -2.47 -7.37 7.45
C ALA A 61 -2.56 -7.46 8.96
N ALA A 62 -3.21 -6.47 9.57
CA ALA A 62 -3.40 -6.45 11.00
C ALA A 62 -4.61 -7.27 11.40
N GLU A 63 -4.55 -8.57 11.13
CA GLU A 63 -5.64 -9.48 11.43
C GLU A 63 -5.54 -9.97 12.88
N SER A 64 -6.69 -10.18 13.50
CA SER A 64 -6.74 -10.75 14.83
C SER A 64 -7.92 -11.70 14.95
N GLY B 1 -0.98 12.36 13.78
CA GLY B 1 -1.08 12.49 12.30
C GLY B 1 -2.51 12.27 11.81
N MET B 2 -2.64 12.00 10.52
CA MET B 2 -3.95 11.79 9.90
C MET B 2 -4.11 10.35 9.47
N ARG B 3 -3.00 9.63 9.46
CA ARG B 3 -2.93 8.31 8.88
C ARG B 3 -1.64 7.66 9.31
N PRO B 4 -1.49 6.34 9.13
CA PRO B 4 -0.20 5.68 9.28
C PRO B 4 0.83 6.23 8.30
N PRO B 5 2.09 5.83 8.45
CA PRO B 5 3.17 6.17 7.54
C PRO B 5 3.40 5.05 6.54
N PRO B 6 4.26 5.26 5.52
CA PRO B 6 4.56 4.21 4.55
C PRO B 6 5.16 2.99 5.21
N PRO B 7 4.83 1.81 4.68
CA PRO B 7 5.19 0.54 5.30
C PRO B 7 6.66 0.44 5.62
N GLY B 8 6.97 0.05 6.84
CA GLY B 8 8.34 0.04 7.27
C GLY B 8 8.54 0.89 8.50
N ILE B 9 8.94 2.14 8.26
CA ILE B 9 9.24 3.12 9.29
C ILE B 9 9.87 2.45 10.51
N ARG B 10 10.92 1.69 10.22
CA ARG B 10 11.52 0.79 11.19
C ARG B 10 12.58 1.50 12.03
N GLY B 11 13.12 0.76 12.99
CA GLY B 11 14.11 1.31 13.87
C GLY B 11 14.21 0.48 15.13
N GLY A 1 -13.11 -5.84 -16.73
CA GLY A 1 -11.79 -6.46 -16.97
C GLY A 1 -11.34 -6.27 -18.40
N ALA A 2 -10.29 -5.48 -18.57
CA ALA A 2 -9.75 -5.23 -19.91
C ALA A 2 -8.28 -4.85 -19.82
N MET A 3 -8.00 -3.60 -19.48
CA MET A 3 -6.63 -3.09 -19.47
C MET A 3 -5.88 -3.55 -18.24
N GLY A 4 -6.59 -3.67 -17.13
CA GLY A 4 -5.96 -4.10 -15.90
C GLY A 4 -6.58 -3.44 -14.69
N THR A 5 -7.05 -4.27 -13.77
CA THR A 5 -7.66 -3.77 -12.55
C THR A 5 -6.59 -3.27 -11.58
N LYS A 6 -6.66 -2.00 -11.22
CA LYS A 6 -5.65 -1.38 -10.37
C LYS A 6 -5.96 -1.63 -8.90
N TYR A 7 -6.56 -2.76 -8.61
CA TYR A 7 -6.75 -3.21 -7.25
C TYR A 7 -5.99 -4.50 -7.06
N ALA A 8 -5.23 -4.87 -8.09
CA ALA A 8 -4.49 -6.11 -8.06
C ALA A 8 -3.00 -5.87 -8.21
N VAL A 9 -2.56 -5.78 -9.46
CA VAL A 9 -1.15 -5.64 -9.74
C VAL A 9 -0.74 -4.18 -9.80
N PRO A 10 0.11 -3.75 -8.86
CA PRO A 10 0.56 -2.35 -8.76
C PRO A 10 1.71 -2.04 -9.71
N ASP A 11 1.76 -0.79 -10.14
CA ASP A 11 2.88 -0.30 -10.94
C ASP A 11 3.79 0.55 -10.09
N THR A 12 5.09 0.28 -10.17
CA THR A 12 6.08 0.97 -9.36
C THR A 12 6.39 2.37 -9.92
N SER A 13 5.96 2.62 -11.15
CA SER A 13 6.28 3.87 -11.83
C SER A 13 5.28 4.97 -11.47
N THR A 14 4.12 4.58 -10.96
CA THR A 14 3.09 5.55 -10.60
C THR A 14 3.27 6.06 -9.16
N TYR A 15 3.96 5.27 -8.34
CA TYR A 15 4.21 5.66 -6.95
C TYR A 15 5.20 6.81 -6.87
N GLN A 16 5.05 7.61 -5.82
CA GLN A 16 6.02 8.63 -5.46
C GLN A 16 6.96 8.06 -4.41
N TYR A 17 8.10 8.69 -4.20
CA TYR A 17 9.02 8.27 -3.17
C TYR A 17 8.87 9.15 -1.93
N ASP A 18 8.29 8.59 -0.88
CA ASP A 18 8.08 9.35 0.36
C ASP A 18 9.32 9.24 1.24
N GLU A 19 10.08 10.33 1.28
CA GLU A 19 11.38 10.37 1.92
C GLU A 19 11.32 10.27 3.45
N SER A 20 10.14 10.41 4.03
CA SER A 20 10.03 10.39 5.49
C SER A 20 10.34 9.00 6.04
N SER A 21 9.77 8.00 5.40
CA SER A 21 9.99 6.60 5.77
C SER A 21 10.89 5.92 4.73
N GLY A 22 10.90 6.48 3.52
CA GLY A 22 11.75 5.96 2.46
C GLY A 22 11.05 4.90 1.64
N TYR A 23 9.75 5.05 1.43
CA TYR A 23 8.96 4.03 0.74
C TYR A 23 8.06 4.67 -0.29
N TYR A 24 7.33 3.85 -1.03
CA TYR A 24 6.53 4.32 -2.15
C TYR A 24 5.11 4.72 -1.73
N TYR A 25 4.66 5.84 -2.27
CA TYR A 25 3.33 6.36 -2.01
C TYR A 25 2.67 6.75 -3.34
N ASP A 26 1.56 6.11 -3.68
CA ASP A 26 0.87 6.45 -4.92
C ASP A 26 -0.28 7.41 -4.65
N PRO A 27 -0.23 8.59 -5.28
CA PRO A 27 -1.26 9.63 -5.11
C PRO A 27 -2.66 9.24 -5.61
N THR A 28 -2.75 8.45 -6.67
CA THR A 28 -4.04 8.12 -7.25
C THR A 28 -4.83 7.12 -6.40
N THR A 29 -4.17 6.06 -5.96
CA THR A 29 -4.82 5.04 -5.16
C THR A 29 -4.69 5.34 -3.67
N GLY A 30 -3.72 6.20 -3.34
CA GLY A 30 -3.43 6.51 -1.96
C GLY A 30 -2.75 5.35 -1.27
N LEU A 31 -2.08 4.51 -2.07
CA LEU A 31 -1.48 3.30 -1.57
C LEU A 31 -0.03 3.51 -1.17
N TYR A 32 0.31 2.94 -0.03
CA TYR A 32 1.68 2.86 0.44
C TYR A 32 2.24 1.49 0.10
N TYR A 33 3.53 1.41 -0.20
CA TYR A 33 4.15 0.13 -0.51
C TYR A 33 5.61 0.09 -0.11
N ASP A 34 5.98 -0.99 0.59
CA ASP A 34 7.39 -1.27 0.86
C ASP A 34 7.75 -2.66 0.38
N PRO A 35 8.68 -2.76 -0.56
CA PRO A 35 9.13 -4.04 -1.11
C PRO A 35 9.77 -4.94 -0.06
N ASN A 36 10.25 -4.34 1.04
CA ASN A 36 10.93 -5.09 2.09
C ASN A 36 9.93 -5.79 3.01
N SER A 37 8.88 -5.08 3.40
CA SER A 37 7.89 -5.64 4.30
C SER A 37 6.73 -6.26 3.54
N GLN A 38 6.66 -5.93 2.25
CA GLN A 38 5.67 -6.46 1.33
C GLN A 38 4.23 -6.06 1.70
N TYR A 39 4.06 -5.17 2.67
CA TYR A 39 2.71 -4.73 2.98
C TYR A 39 2.43 -3.37 2.36
N TYR A 40 1.16 -3.19 2.06
CA TYR A 40 0.63 -1.99 1.47
C TYR A 40 -0.14 -1.26 2.53
N TYR A 41 -0.60 -0.06 2.24
CA TYR A 41 -1.57 0.58 3.10
C TYR A 41 -2.32 1.66 2.33
N ASN A 42 -3.64 1.61 2.39
CA ASN A 42 -4.47 2.61 1.71
C ASN A 42 -4.75 3.76 2.66
N SER A 43 -4.26 4.94 2.33
CA SER A 43 -4.41 6.09 3.21
C SER A 43 -5.70 6.84 2.95
N LEU A 44 -6.46 6.41 1.95
CA LEU A 44 -7.80 6.93 1.74
C LEU A 44 -8.74 6.31 2.76
N THR A 45 -8.36 5.16 3.27
CA THR A 45 -9.07 4.51 4.35
C THR A 45 -8.25 4.54 5.63
N GLN A 46 -6.98 4.92 5.48
CA GLN A 46 -6.02 4.98 6.58
C GLN A 46 -5.82 3.60 7.21
N GLN A 47 -5.73 2.60 6.36
CA GLN A 47 -5.63 1.22 6.82
C GLN A 47 -4.44 0.51 6.20
N TYR A 48 -3.69 -0.23 7.02
CA TYR A 48 -2.62 -1.08 6.52
C TYR A 48 -3.21 -2.27 5.77
N LEU A 49 -2.56 -2.68 4.70
CA LEU A 49 -3.05 -3.74 3.83
C LEU A 49 -1.90 -4.65 3.40
N TYR A 50 -2.22 -5.73 2.72
CA TYR A 50 -1.22 -6.52 2.02
C TYR A 50 -1.87 -7.24 0.86
N TRP A 51 -1.08 -7.51 -0.18
CA TRP A 51 -1.60 -8.15 -1.37
C TRP A 51 -1.54 -9.66 -1.21
N ASP A 52 -2.72 -10.25 -0.97
CA ASP A 52 -2.83 -11.69 -0.84
C ASP A 52 -2.45 -12.39 -2.14
N GLY A 53 -2.94 -11.86 -3.25
CA GLY A 53 -2.64 -12.42 -4.55
C GLY A 53 -3.81 -13.15 -5.16
N GLU A 54 -4.43 -14.04 -4.39
CA GLU A 54 -5.48 -14.90 -4.91
C GLU A 54 -6.86 -14.33 -4.64
N LYS A 55 -7.01 -13.62 -3.52
CA LYS A 55 -8.31 -13.06 -3.15
C LYS A 55 -8.61 -11.82 -3.99
N GLU A 56 -7.58 -11.35 -4.71
CA GLU A 56 -7.69 -10.21 -5.61
C GLU A 56 -8.21 -8.97 -4.88
N THR A 57 -7.70 -8.76 -3.67
CA THR A 57 -8.09 -7.62 -2.88
C THR A 57 -7.00 -7.29 -1.85
N TYR A 58 -6.95 -6.04 -1.44
CA TYR A 58 -6.01 -5.61 -0.41
C TYR A 58 -6.62 -5.84 0.96
N VAL A 59 -6.12 -6.87 1.62
CA VAL A 59 -6.61 -7.27 2.93
C VAL A 59 -5.73 -6.67 4.01
N PRO A 60 -6.35 -6.07 5.04
CA PRO A 60 -5.64 -5.37 6.12
C PRO A 60 -4.61 -6.27 6.79
N ALA A 61 -3.39 -5.75 6.92
CA ALA A 61 -2.29 -6.49 7.54
C ALA A 61 -2.44 -6.49 9.05
N ALA A 62 -3.54 -7.09 9.51
CA ALA A 62 -3.87 -7.15 10.92
C ALA A 62 -5.15 -7.97 11.10
N GLU A 63 -6.04 -7.88 10.12
CA GLU A 63 -7.30 -8.59 10.17
C GLU A 63 -7.20 -9.93 9.44
N SER A 64 -7.16 -11.01 10.21
CA SER A 64 -7.09 -12.34 9.64
C SER A 64 -8.40 -13.07 9.89
N GLY B 1 -2.39 11.44 15.57
CA GLY B 1 -1.55 12.29 14.69
C GLY B 1 -2.15 12.42 13.32
N MET B 2 -1.77 11.51 12.43
CA MET B 2 -2.31 11.47 11.09
C MET B 2 -2.56 10.03 10.69
N ARG B 3 -2.67 9.80 9.39
CA ARG B 3 -2.69 8.44 8.86
C ARG B 3 -1.41 7.70 9.27
N PRO B 4 -1.34 6.39 9.09
CA PRO B 4 -0.09 5.63 9.30
C PRO B 4 1.04 6.11 8.37
N PRO B 5 2.24 5.60 8.58
CA PRO B 5 3.39 5.88 7.73
C PRO B 5 3.55 4.82 6.66
N PRO B 6 4.42 5.04 5.67
CA PRO B 6 4.72 4.03 4.68
C PRO B 6 5.33 2.80 5.32
N PRO B 7 4.98 1.61 4.81
CA PRO B 7 5.37 0.34 5.39
C PRO B 7 6.86 0.25 5.62
N GLY B 8 7.22 -0.11 6.83
CA GLY B 8 8.60 -0.10 7.21
C GLY B 8 8.76 0.54 8.56
N ILE B 9 9.03 1.86 8.53
CA ILE B 9 9.27 2.67 9.72
C ILE B 9 9.92 1.87 10.86
N ARG B 10 10.99 1.18 10.51
CA ARG B 10 11.69 0.29 11.42
C ARG B 10 12.82 1.04 12.12
N GLY B 11 12.86 2.34 11.90
CA GLY B 11 13.85 3.19 12.51
C GLY B 11 13.60 4.63 12.18
N GLY A 1 -16.51 -16.48 -11.03
CA GLY A 1 -17.02 -15.12 -11.32
C GLY A 1 -15.99 -14.06 -11.01
N ALA A 2 -16.39 -12.80 -11.16
CA ALA A 2 -15.49 -11.66 -10.95
C ALA A 2 -14.29 -11.75 -11.89
N MET A 3 -14.55 -12.14 -13.12
CA MET A 3 -13.49 -12.32 -14.11
C MET A 3 -13.09 -10.98 -14.72
N GLY A 4 -12.14 -10.33 -14.10
CA GLY A 4 -11.65 -9.06 -14.59
C GLY A 4 -10.66 -8.45 -13.63
N THR A 5 -9.54 -7.97 -14.16
CA THR A 5 -8.49 -7.38 -13.34
C THR A 5 -8.98 -6.10 -12.66
N LYS A 6 -9.36 -6.21 -11.40
CA LYS A 6 -9.87 -5.06 -10.66
C LYS A 6 -8.73 -4.32 -9.96
N TYR A 7 -7.62 -5.02 -9.77
CA TYR A 7 -6.43 -4.44 -9.15
C TYR A 7 -5.18 -5.14 -9.66
N ALA A 8 -4.99 -6.38 -9.21
CA ALA A 8 -3.78 -7.16 -9.45
C ALA A 8 -2.57 -6.47 -8.81
N VAL A 9 -1.38 -7.02 -9.06
CA VAL A 9 -0.16 -6.44 -8.53
C VAL A 9 0.13 -5.09 -9.17
N PRO A 10 0.08 -4.01 -8.38
CA PRO A 10 0.28 -2.64 -8.87
C PRO A 10 1.73 -2.38 -9.30
N ASP A 11 1.87 -1.55 -10.32
CA ASP A 11 3.19 -1.14 -10.80
C ASP A 11 3.82 -0.19 -9.80
N THR A 12 5.05 -0.48 -9.40
CA THR A 12 5.76 0.38 -8.46
C THR A 12 6.29 1.63 -9.16
N SER A 13 6.03 1.72 -10.45
CA SER A 13 6.45 2.85 -11.26
C SER A 13 5.65 4.12 -10.94
N THR A 14 4.36 3.94 -10.66
CA THR A 14 3.48 5.08 -10.44
C THR A 14 3.61 5.63 -9.02
N TYR A 15 4.07 4.79 -8.10
CA TYR A 15 4.27 5.20 -6.72
C TYR A 15 5.34 6.26 -6.62
N GLN A 16 5.11 7.23 -5.76
CA GLN A 16 6.07 8.28 -5.48
C GLN A 16 6.94 7.87 -4.30
N TYR A 17 8.22 8.24 -4.34
CA TYR A 17 9.12 7.93 -3.25
C TYR A 17 8.86 8.84 -2.06
N ASP A 18 8.35 8.27 -0.98
CA ASP A 18 8.17 9.00 0.27
C ASP A 18 9.53 9.16 0.92
N GLU A 19 10.04 10.39 0.89
CA GLU A 19 11.39 10.69 1.32
C GLU A 19 11.56 10.55 2.83
N SER A 20 10.46 10.71 3.57
CA SER A 20 10.50 10.68 5.02
C SER A 20 10.76 9.26 5.54
N SER A 21 10.04 8.32 4.97
CA SER A 21 10.11 6.91 5.39
C SER A 21 11.04 6.11 4.48
N GLY A 22 11.10 6.52 3.22
CA GLY A 22 11.95 5.86 2.24
C GLY A 22 11.23 4.78 1.48
N TYR A 23 9.92 4.97 1.28
CA TYR A 23 9.07 3.91 0.71
C TYR A 23 8.16 4.48 -0.36
N TYR A 24 7.37 3.62 -0.98
CA TYR A 24 6.52 4.01 -2.09
C TYR A 24 5.15 4.50 -1.61
N TYR A 25 4.70 5.61 -2.17
CA TYR A 25 3.34 6.11 -1.97
C TYR A 25 2.77 6.57 -3.32
N ASP A 26 1.69 5.95 -3.76
CA ASP A 26 1.11 6.29 -5.05
C ASP A 26 0.03 7.36 -4.89
N PRO A 27 0.23 8.52 -5.54
CA PRO A 27 -0.75 9.61 -5.52
C PRO A 27 -2.05 9.24 -6.23
N THR A 28 -2.00 8.27 -7.13
CA THR A 28 -3.16 7.87 -7.91
C THR A 28 -4.18 7.13 -7.05
N THR A 29 -3.76 6.04 -6.42
CA THR A 29 -4.65 5.24 -5.60
C THR A 29 -4.66 5.73 -4.15
N GLY A 30 -3.53 6.23 -3.69
CA GLY A 30 -3.42 6.71 -2.33
C GLY A 30 -2.82 5.66 -1.41
N LEU A 31 -2.22 4.65 -2.00
CA LEU A 31 -1.67 3.54 -1.23
C LEU A 31 -0.18 3.69 -0.97
N TYR A 32 0.21 3.16 0.18
CA TYR A 32 1.59 3.04 0.60
C TYR A 32 2.09 1.64 0.26
N TYR A 33 3.37 1.49 0.00
CA TYR A 33 3.95 0.18 -0.24
C TYR A 33 5.44 0.14 0.06
N ASP A 34 5.86 -0.89 0.78
CA ASP A 34 7.28 -1.16 0.96
C ASP A 34 7.59 -2.57 0.52
N PRO A 35 8.50 -2.72 -0.45
CA PRO A 35 8.84 -4.02 -1.02
C PRO A 35 9.51 -4.95 -0.02
N ASN A 36 10.15 -4.39 1.00
CA ASN A 36 10.84 -5.20 2.01
C ASN A 36 9.88 -5.75 3.05
N SER A 37 8.98 -4.91 3.53
CA SER A 37 8.01 -5.32 4.54
C SER A 37 6.83 -6.03 3.89
N GLN A 38 6.73 -5.87 2.57
CA GLN A 38 5.76 -6.58 1.75
C GLN A 38 4.31 -6.27 2.12
N TYR A 39 4.06 -5.13 2.74
CA TYR A 39 2.70 -4.74 3.01
C TYR A 39 2.37 -3.39 2.41
N TYR A 40 1.10 -3.24 2.10
CA TYR A 40 0.54 -2.02 1.56
C TYR A 40 -0.19 -1.28 2.65
N TYR A 41 -0.65 -0.10 2.37
CA TYR A 41 -1.52 0.59 3.30
C TYR A 41 -2.31 1.67 2.56
N ASN A 42 -3.63 1.65 2.69
CA ASN A 42 -4.47 2.66 2.06
C ASN A 42 -4.84 3.73 3.07
N SER A 43 -4.42 4.96 2.81
CA SER A 43 -4.63 6.04 3.75
C SER A 43 -6.01 6.67 3.57
N LEU A 44 -6.72 6.25 2.53
CA LEU A 44 -8.10 6.65 2.35
C LEU A 44 -8.99 5.91 3.34
N THR A 45 -8.59 4.68 3.66
CA THR A 45 -9.28 3.90 4.67
C THR A 45 -8.54 3.97 6.01
N GLN A 46 -7.37 4.60 5.98
CA GLN A 46 -6.50 4.74 7.15
C GLN A 46 -6.09 3.36 7.67
N GLN A 47 -5.90 2.42 6.76
CA GLN A 47 -5.64 1.05 7.14
C GLN A 47 -4.36 0.51 6.52
N TYR A 48 -3.64 -0.29 7.29
CA TYR A 48 -2.56 -1.10 6.76
C TYR A 48 -3.17 -2.30 6.05
N LEU A 49 -2.59 -2.70 4.93
CA LEU A 49 -3.13 -3.78 4.09
C LEU A 49 -1.97 -4.60 3.52
N TYR A 50 -2.29 -5.64 2.76
CA TYR A 50 -1.27 -6.30 1.94
C TYR A 50 -1.94 -6.97 0.76
N TRP A 51 -1.20 -7.12 -0.34
CA TRP A 51 -1.73 -7.74 -1.53
C TRP A 51 -1.57 -9.24 -1.47
N ASP A 52 -2.69 -9.93 -1.33
CA ASP A 52 -2.69 -11.39 -1.32
C ASP A 52 -2.42 -11.94 -2.71
N GLY A 53 -3.18 -11.45 -3.68
CA GLY A 53 -3.01 -11.89 -5.06
C GLY A 53 -4.14 -12.79 -5.50
N GLU A 54 -4.34 -13.89 -4.78
CA GLU A 54 -5.34 -14.88 -5.14
C GLU A 54 -6.76 -14.33 -4.97
N LYS A 55 -6.96 -13.60 -3.88
CA LYS A 55 -8.26 -12.99 -3.60
C LYS A 55 -8.48 -11.77 -4.46
N GLU A 56 -7.38 -11.32 -5.10
CA GLU A 56 -7.36 -10.12 -5.94
C GLU A 56 -7.97 -8.92 -5.22
N THR A 57 -7.70 -8.83 -3.93
CA THR A 57 -8.16 -7.71 -3.13
C THR A 57 -7.15 -7.44 -2.02
N TYR A 58 -7.13 -6.21 -1.53
CA TYR A 58 -6.21 -5.83 -0.48
C TYR A 58 -6.81 -6.15 0.88
N VAL A 59 -6.13 -7.02 1.62
CA VAL A 59 -6.58 -7.38 2.95
C VAL A 59 -5.79 -6.64 4.02
N PRO A 60 -6.49 -5.85 4.84
CA PRO A 60 -5.89 -5.04 5.90
C PRO A 60 -5.32 -5.86 7.05
N ALA A 61 -4.18 -5.39 7.57
CA ALA A 61 -3.54 -6.00 8.73
C ALA A 61 -4.27 -5.54 10.00
N ALA A 62 -5.55 -5.85 10.04
CA ALA A 62 -6.39 -5.50 11.18
C ALA A 62 -7.28 -6.69 11.52
N GLU A 63 -7.62 -7.46 10.50
CA GLU A 63 -8.37 -8.69 10.69
C GLU A 63 -7.41 -9.81 11.02
N SER A 64 -7.38 -10.21 12.28
CA SER A 64 -6.47 -11.24 12.74
C SER A 64 -7.21 -12.20 13.66
N GLY B 1 -1.60 11.76 13.34
CA GLY B 1 -2.61 12.84 13.26
C GLY B 1 -3.54 12.69 12.09
N MET B 2 -3.61 11.49 11.52
CA MET B 2 -4.51 11.22 10.39
C MET B 2 -4.42 9.77 9.97
N ARG B 3 -3.23 9.38 9.60
CA ARG B 3 -2.99 8.10 8.98
C ARG B 3 -1.66 7.53 9.46
N PRO B 4 -1.45 6.23 9.28
CA PRO B 4 -0.14 5.58 9.48
C PRO B 4 0.92 6.13 8.52
N PRO B 5 2.18 5.69 8.68
CA PRO B 5 3.27 6.02 7.78
C PRO B 5 3.47 4.93 6.73
N PRO B 6 4.32 5.17 5.72
CA PRO B 6 4.64 4.15 4.72
C PRO B 6 5.28 2.94 5.36
N PRO B 7 4.97 1.75 4.85
CA PRO B 7 5.42 0.49 5.44
C PRO B 7 6.92 0.47 5.65
N GLY B 8 7.33 0.13 6.86
CA GLY B 8 8.72 0.23 7.21
C GLY B 8 8.88 0.96 8.52
N ILE B 9 9.26 2.25 8.42
CA ILE B 9 9.45 3.15 9.55
C ILE B 9 10.03 2.41 10.75
N ARG B 10 11.06 1.61 10.46
CA ARG B 10 11.67 0.73 11.45
C ARG B 10 12.65 1.48 12.32
N GLY B 11 12.13 2.10 13.35
CA GLY B 11 12.95 2.79 14.31
C GLY B 11 12.44 2.55 15.72
N GLY A 1 -13.98 -11.64 -16.07
CA GLY A 1 -15.04 -11.06 -16.91
C GLY A 1 -15.13 -9.55 -16.74
N ALA A 2 -16.11 -9.11 -15.96
CA ALA A 2 -16.28 -7.68 -15.68
C ALA A 2 -15.38 -7.26 -14.54
N MET A 3 -14.41 -6.42 -14.85
CA MET A 3 -13.44 -5.96 -13.87
C MET A 3 -13.70 -4.52 -13.50
N GLY A 4 -13.82 -3.66 -14.50
CA GLY A 4 -14.01 -2.25 -14.25
C GLY A 4 -12.81 -1.65 -13.53
N THR A 5 -11.62 -1.92 -14.08
CA THR A 5 -10.37 -1.43 -13.51
C THR A 5 -10.16 -1.94 -12.10
N LYS A 6 -9.81 -3.21 -12.00
CA LYS A 6 -9.50 -3.82 -10.70
C LYS A 6 -8.08 -3.45 -10.28
N TYR A 7 -7.80 -3.58 -8.99
CA TYR A 7 -6.49 -3.23 -8.46
C TYR A 7 -5.44 -4.22 -8.94
N ALA A 8 -5.53 -5.45 -8.44
CA ALA A 8 -4.53 -6.47 -8.69
C ALA A 8 -3.13 -5.97 -8.34
N VAL A 9 -2.14 -6.42 -9.09
CA VAL A 9 -0.77 -6.00 -8.88
C VAL A 9 -0.59 -4.53 -9.34
N PRO A 10 -0.24 -3.66 -8.40
CA PRO A 10 -0.07 -2.23 -8.67
C PRO A 10 1.30 -1.92 -9.27
N ASP A 11 1.36 -0.88 -10.08
CA ASP A 11 2.60 -0.48 -10.71
C ASP A 11 3.48 0.27 -9.73
N THR A 12 4.58 -0.35 -9.36
CA THR A 12 5.52 0.23 -8.40
C THR A 12 6.14 1.52 -8.93
N SER A 13 6.13 1.67 -10.25
CA SER A 13 6.71 2.83 -10.89
C SER A 13 5.75 4.02 -10.82
N THR A 14 4.51 3.76 -10.42
CA THR A 14 3.51 4.80 -10.31
C THR A 14 3.64 5.54 -8.98
N TYR A 15 4.15 4.84 -7.97
CA TYR A 15 4.33 5.43 -6.65
C TYR A 15 5.52 6.39 -6.66
N GLN A 16 5.41 7.45 -5.89
CA GLN A 16 6.49 8.40 -5.74
C GLN A 16 7.25 8.11 -4.45
N TYR A 17 8.49 8.50 -4.38
CA TYR A 17 9.35 8.14 -3.25
C TYR A 17 9.24 9.16 -2.12
N ASP A 18 8.86 8.67 -0.94
CA ASP A 18 8.90 9.48 0.28
C ASP A 18 10.24 9.31 0.97
N GLU A 19 10.97 10.40 1.13
CA GLU A 19 12.30 10.40 1.70
C GLU A 19 12.28 10.09 3.20
N SER A 20 11.24 10.53 3.90
CA SER A 20 11.23 10.44 5.35
C SER A 20 11.15 8.99 5.83
N SER A 21 10.26 8.22 5.25
CA SER A 21 10.12 6.82 5.57
C SER A 21 11.02 5.99 4.65
N GLY A 22 11.19 6.46 3.43
CA GLY A 22 12.05 5.79 2.46
C GLY A 22 11.29 4.79 1.62
N TYR A 23 10.01 5.07 1.37
CA TYR A 23 9.13 4.09 0.72
C TYR A 23 8.28 4.76 -0.36
N TYR A 24 7.48 3.95 -1.04
CA TYR A 24 6.72 4.44 -2.18
C TYR A 24 5.28 4.78 -1.82
N TYR A 25 4.85 5.96 -2.26
CA TYR A 25 3.49 6.44 -2.06
C TYR A 25 2.89 6.91 -3.37
N ASP A 26 1.74 6.40 -3.74
CA ASP A 26 1.07 6.83 -4.96
C ASP A 26 0.03 7.89 -4.66
N PRO A 27 0.23 9.10 -5.19
CA PRO A 27 -0.70 10.22 -5.01
C PRO A 27 -2.06 9.98 -5.66
N THR A 28 -2.08 9.09 -6.66
CA THR A 28 -3.30 8.85 -7.43
C THR A 28 -4.34 8.09 -6.61
N THR A 29 -3.96 6.92 -6.13
CA THR A 29 -4.86 6.08 -5.35
C THR A 29 -4.73 6.36 -3.86
N GLY A 30 -3.56 6.82 -3.46
CA GLY A 30 -3.30 7.08 -2.06
C GLY A 30 -2.79 5.87 -1.34
N LEU A 31 -2.17 4.97 -2.09
CA LEU A 31 -1.64 3.75 -1.52
C LEU A 31 -0.17 3.88 -1.14
N TYR A 32 0.18 3.14 -0.12
CA TYR A 32 1.53 3.04 0.37
C TYR A 32 2.05 1.63 0.06
N TYR A 33 3.32 1.51 -0.27
CA TYR A 33 3.92 0.20 -0.47
C TYR A 33 5.39 0.20 -0.15
N ASP A 34 5.81 -0.78 0.64
CA ASP A 34 7.23 -1.01 0.87
C ASP A 34 7.60 -2.44 0.54
N PRO A 35 8.48 -2.62 -0.44
CA PRO A 35 8.94 -3.95 -0.86
C PRO A 35 9.71 -4.68 0.23
N ASN A 36 10.24 -3.94 1.19
CA ASN A 36 11.04 -4.52 2.26
C ASN A 36 10.16 -5.14 3.34
N SER A 37 9.11 -4.43 3.71
CA SER A 37 8.16 -4.92 4.70
C SER A 37 7.05 -5.72 4.04
N GLN A 38 6.98 -5.61 2.71
CA GLN A 38 6.03 -6.36 1.88
C GLN A 38 4.59 -5.86 2.01
N TYR A 39 4.26 -5.17 3.09
CA TYR A 39 2.88 -4.76 3.27
C TYR A 39 2.55 -3.46 2.54
N TYR A 40 1.29 -3.38 2.17
CA TYR A 40 0.69 -2.22 1.56
C TYR A 40 -0.02 -1.41 2.63
N TYR A 41 -0.53 -0.27 2.25
CA TYR A 41 -1.30 0.54 3.16
C TYR A 41 -2.21 1.45 2.34
N ASN A 42 -3.51 1.32 2.53
CA ASN A 42 -4.46 2.16 1.83
C ASN A 42 -5.00 3.25 2.75
N SER A 43 -4.53 4.48 2.55
CA SER A 43 -4.96 5.59 3.39
C SER A 43 -6.36 6.05 2.98
N LEU A 44 -6.94 5.37 1.99
CA LEU A 44 -8.34 5.56 1.65
C LEU A 44 -9.20 5.08 2.81
N THR A 45 -8.74 4.03 3.46
CA THR A 45 -9.42 3.47 4.62
C THR A 45 -8.53 3.59 5.86
N GLN A 46 -7.37 4.24 5.65
CA GLN A 46 -6.36 4.44 6.69
C GLN A 46 -5.95 3.11 7.31
N GLN A 47 -5.74 2.11 6.46
CA GLN A 47 -5.43 0.77 6.94
C GLN A 47 -4.19 0.21 6.27
N TYR A 48 -3.42 -0.53 7.04
CA TYR A 48 -2.32 -1.31 6.50
C TYR A 48 -2.87 -2.55 5.82
N LEU A 49 -2.50 -2.74 4.56
CA LEU A 49 -3.06 -3.80 3.75
C LEU A 49 -1.97 -4.68 3.16
N TYR A 50 -2.39 -5.68 2.41
CA TYR A 50 -1.48 -6.62 1.78
C TYR A 50 -2.14 -7.21 0.54
N TRP A 51 -1.40 -7.27 -0.56
CA TRP A 51 -1.92 -7.84 -1.79
C TRP A 51 -1.98 -9.35 -1.66
N ASP A 52 -3.19 -9.85 -1.41
CA ASP A 52 -3.42 -11.27 -1.20
C ASP A 52 -3.22 -12.06 -2.48
N GLY A 53 -3.76 -11.53 -3.57
CA GLY A 53 -3.63 -12.17 -4.85
C GLY A 53 -4.76 -13.13 -5.16
N GLU A 54 -5.02 -14.05 -4.23
CA GLU A 54 -6.03 -15.08 -4.44
C GLU A 54 -7.44 -14.48 -4.42
N LYS A 55 -7.71 -13.69 -3.39
CA LYS A 55 -9.03 -13.07 -3.24
C LYS A 55 -9.14 -11.84 -4.14
N GLU A 56 -8.00 -11.47 -4.72
CA GLU A 56 -7.89 -10.33 -5.63
C GLU A 56 -8.32 -9.03 -4.97
N THR A 57 -7.98 -8.89 -3.70
CA THR A 57 -8.24 -7.67 -2.96
C THR A 57 -7.16 -7.47 -1.90
N TYR A 58 -7.24 -6.37 -1.17
CA TYR A 58 -6.25 -6.01 -0.17
C TYR A 58 -6.70 -6.44 1.22
N VAL A 59 -5.99 -7.41 1.77
CA VAL A 59 -6.29 -7.95 3.10
C VAL A 59 -5.40 -7.28 4.14
N PRO A 60 -5.96 -6.98 5.32
CA PRO A 60 -5.21 -6.30 6.39
C PRO A 60 -3.96 -7.07 6.81
N ALA A 61 -2.84 -6.38 6.86
CA ALA A 61 -1.56 -6.99 7.18
C ALA A 61 -1.42 -7.24 8.67
N ALA A 62 -2.18 -8.19 9.18
CA ALA A 62 -2.12 -8.54 10.58
C ALA A 62 -1.66 -9.98 10.75
N GLU A 63 -0.45 -10.15 11.26
CA GLU A 63 0.11 -11.48 11.47
C GLU A 63 -0.41 -12.07 12.78
N SER A 64 -0.92 -13.28 12.69
CA SER A 64 -1.49 -13.96 13.85
C SER A 64 -0.41 -14.72 14.62
N GLY B 1 -4.22 9.23 16.20
CA GLY B 1 -3.32 9.91 15.25
C GLY B 1 -3.95 10.08 13.89
N MET B 2 -3.17 10.56 12.94
CA MET B 2 -3.64 10.68 11.56
C MET B 2 -3.57 9.31 10.88
N ARG B 3 -3.50 9.32 9.55
CA ARG B 3 -3.20 8.11 8.81
C ARG B 3 -1.86 7.53 9.27
N PRO B 4 -1.65 6.23 9.07
CA PRO B 4 -0.32 5.62 9.24
C PRO B 4 0.71 6.21 8.27
N PRO B 5 1.98 5.85 8.44
CA PRO B 5 3.06 6.22 7.54
C PRO B 5 3.35 5.11 6.52
N PRO B 6 4.22 5.37 5.52
CA PRO B 6 4.57 4.36 4.55
C PRO B 6 5.15 3.12 5.22
N PRO B 7 4.81 1.94 4.70
CA PRO B 7 5.15 0.66 5.32
C PRO B 7 6.63 0.57 5.61
N GLY B 8 6.96 0.23 6.83
CA GLY B 8 8.33 0.19 7.25
C GLY B 8 8.56 1.00 8.50
N ILE B 9 8.74 2.32 8.29
CA ILE B 9 9.10 3.27 9.32
C ILE B 9 9.92 2.63 10.46
N ARG B 10 10.98 1.95 10.07
CA ARG B 10 11.83 1.23 11.01
C ARG B 10 13.01 2.10 11.42
N GLY B 11 13.56 1.82 12.58
CA GLY B 11 14.70 2.58 13.08
C GLY B 11 14.93 2.29 14.54
#